data_5DM5
#
_entry.id   5DM5
#
_cell.length_a   77.870
_cell.length_b   77.870
_cell.length_c   285.260
_cell.angle_alpha   90.00
_cell.angle_beta   90.00
_cell.angle_gamma   120.00
#
_symmetry.space_group_name_H-M   'P 65'
#
loop_
_entity.id
_entity.type
_entity.pdbx_description
1 polymer 'Putative acyl-CoA thioester hydrolase'
2 non-polymer GLYCEROL
3 non-polymer 'TRIETHYLENE GLYCOL'
#
_entity_poly.entity_id   1
_entity_poly.type   'polypeptide(L)'
_entity_poly.pdbx_seq_one_letter_code
;SNAMTQEQQLSGGELSLPNGELVLRTLAMPADTNANGDIFGGWLMSQMDIGGAIQAKEIAQGRVVTVRVDGMTFLKPVAV
GDVVCCYARCIKTGHSSITINIEVWVKKVSSEPIGQRYRATEAVFTYVAVDDAGKPRGLPSGKGNFEVGATQ
;
_entity_poly.pdbx_strand_id   A,B,C,D,E,F
#
# COMPACT_ATOMS: atom_id res chain seq x y z
N SER A 16 0.52 29.59 -12.82
CA SER A 16 1.97 29.70 -12.85
C SER A 16 2.51 30.41 -11.61
N LEU A 17 1.64 30.76 -10.68
CA LEU A 17 2.06 31.66 -9.62
C LEU A 17 1.77 31.33 -8.14
N PRO A 18 2.28 30.19 -7.64
CA PRO A 18 2.12 29.87 -6.23
C PRO A 18 3.16 30.46 -5.29
N ASN A 19 2.57 30.95 -4.23
CA ASN A 19 3.21 31.48 -3.05
C ASN A 19 4.17 30.46 -2.44
N GLY A 20 5.11 30.88 -1.59
CA GLY A 20 5.99 29.90 -0.94
C GLY A 20 6.84 28.98 -1.82
N GLU A 21 7.48 27.99 -1.19
CA GLU A 21 8.26 26.97 -1.94
C GLU A 21 7.46 25.65 -2.13
N LEU A 22 7.57 25.08 -3.34
CA LEU A 22 6.96 23.81 -3.69
C LEU A 22 7.67 22.73 -2.89
N VAL A 23 7.00 22.14 -1.91
CA VAL A 23 7.61 21.09 -1.11
C VAL A 23 7.32 19.66 -1.60
N LEU A 24 6.15 19.44 -2.19
CA LEU A 24 5.80 18.10 -2.65
C LEU A 24 5.16 18.22 -4.02
N ARG A 25 5.49 17.32 -4.94
CA ARG A 25 4.81 17.29 -6.23
C ARG A 25 4.62 15.84 -6.65
N THR A 26 3.42 15.32 -6.49
CA THR A 26 3.19 13.92 -6.78
C THR A 26 2.00 13.74 -7.67
N LEU A 27 1.77 12.50 -8.05
CA LEU A 27 0.65 12.13 -8.87
C LEU A 27 -0.45 11.55 -7.98
N ALA A 28 -1.69 11.96 -8.24
CA ALA A 28 -2.85 11.44 -7.54
C ALA A 28 -3.09 10.02 -8.01
N MET A 29 -2.83 9.07 -7.13
CA MET A 29 -2.98 7.68 -7.48
C MET A 29 -4.41 7.29 -7.16
N PRO A 30 -4.95 6.32 -7.89
CA PRO A 30 -6.30 5.80 -7.64
C PRO A 30 -6.42 5.09 -6.29
N ALA A 31 -5.29 4.81 -5.65
CA ALA A 31 -5.31 4.17 -4.35
C ALA A 31 -5.66 5.14 -3.24
N ASP A 32 -5.57 6.44 -3.53
CA ASP A 32 -5.77 7.48 -2.51
C ASP A 32 -7.17 8.04 -2.58
N THR A 33 -8.12 7.20 -2.97
CA THR A 33 -9.50 7.58 -3.19
C THR A 33 -10.45 7.11 -2.11
N ASN A 34 -11.72 7.41 -2.34
CA ASN A 34 -12.85 6.94 -1.57
C ASN A 34 -13.71 5.89 -2.29
N ALA A 35 -14.90 5.68 -1.76
CA ALA A 35 -15.86 4.77 -2.36
C ALA A 35 -16.29 5.31 -3.70
N ASN A 36 -16.45 6.62 -3.76
CA ASN A 36 -16.86 7.29 -4.98
C ASN A 36 -15.83 7.11 -6.06
N GLY A 37 -14.57 7.36 -5.70
CA GLY A 37 -13.50 7.33 -6.67
C GLY A 37 -12.74 8.63 -6.58
N ASP A 38 -13.23 9.55 -5.75
CA ASP A 38 -12.67 10.90 -5.68
C ASP A 38 -11.40 10.94 -4.85
N ILE A 39 -10.61 12.00 -5.00
CA ILE A 39 -9.41 12.07 -4.18
C ILE A 39 -9.86 12.46 -2.80
N PHE A 40 -9.48 11.61 -1.87
CA PHE A 40 -9.90 11.69 -0.50
C PHE A 40 -9.23 12.88 0.14
N GLY A 41 -10.00 13.65 0.90
CA GLY A 41 -9.51 14.91 1.41
C GLY A 41 -8.59 14.59 2.55
N GLY A 42 -8.97 13.65 3.38
CA GLY A 42 -8.09 13.08 4.39
C GLY A 42 -6.68 13.03 3.92
N TRP A 43 -6.51 12.37 2.78
CA TRP A 43 -5.23 12.11 2.16
C TRP A 43 -4.53 13.39 1.76
N LEU A 44 -5.34 14.37 1.35
CA LEU A 44 -4.85 15.71 1.07
C LEU A 44 -4.26 16.31 2.32
N MET A 45 -5.00 16.17 3.41
CA MET A 45 -4.55 16.66 4.70
C MET A 45 -3.27 15.95 5.12
N SER A 46 -3.12 14.65 4.82
CA SER A 46 -1.85 13.93 5.07
C SER A 46 -0.71 14.52 4.26
N GLN A 47 -0.97 14.82 3.00
CA GLN A 47 0.08 15.37 2.14
C GLN A 47 0.53 16.70 2.70
N MET A 48 -0.43 17.51 3.12
CA MET A 48 -0.05 18.79 3.70
C MET A 48 0.72 18.64 5.02
N ASP A 49 0.33 17.70 5.87
CA ASP A 49 1.02 17.53 7.15
C ASP A 49 2.46 17.18 6.84
N ILE A 50 2.66 16.30 5.89
CA ILE A 50 4.02 15.92 5.52
C ILE A 50 4.85 17.10 5.01
N GLY A 51 4.32 17.86 4.04
CA GLY A 51 5.05 19.01 3.52
C GLY A 51 5.40 20.07 4.56
N GLY A 52 4.47 20.34 5.47
CA GLY A 52 4.75 21.31 6.51
C GLY A 52 5.81 20.78 7.45
N ALA A 53 5.75 19.48 7.74
CA ALA A 53 6.75 18.88 8.60
C ALA A 53 8.11 19.01 7.95
N ILE A 54 8.14 18.97 6.62
CA ILE A 54 9.36 19.16 5.86
C ILE A 54 9.95 20.55 6.06
N GLN A 55 9.17 21.59 5.76
CA GLN A 55 9.70 22.92 5.98
C GLN A 55 10.10 23.20 7.42
N ALA A 56 9.34 22.65 8.35
CA ALA A 56 9.68 22.77 9.77
C ALA A 56 11.00 22.08 10.07
N LYS A 57 11.17 20.87 9.54
CA LYS A 57 12.40 20.14 9.76
C LYS A 57 13.57 20.89 9.14
N GLU A 58 13.32 21.68 8.11
CA GLU A 58 14.35 22.57 7.58
C GLU A 58 14.62 23.59 8.68
N ILE A 59 13.54 24.11 9.24
CA ILE A 59 13.63 25.14 10.27
C ILE A 59 14.18 24.62 11.60
N ALA A 60 13.58 23.55 12.11
CA ALA A 60 13.96 22.99 13.40
C ALA A 60 15.33 22.35 13.36
N GLN A 61 15.89 22.23 12.16
CA GLN A 61 17.19 21.60 11.94
C GLN A 61 17.14 20.17 12.47
N GLY A 62 15.96 19.57 12.45
CA GLY A 62 15.77 18.23 12.99
C GLY A 62 14.35 17.71 12.94
N ARG A 63 14.05 16.74 13.80
CA ARG A 63 12.75 16.10 13.84
C ARG A 63 11.76 17.04 14.54
N VAL A 64 10.51 17.04 14.10
CA VAL A 64 9.46 17.88 14.69
C VAL A 64 8.19 17.12 15.03
N VAL A 65 7.29 17.80 15.74
CA VAL A 65 5.98 17.25 16.12
C VAL A 65 4.84 18.29 16.05
N THR A 66 3.79 17.95 15.31
CA THR A 66 2.59 18.77 15.12
C THR A 66 1.65 18.85 16.31
N VAL A 67 1.12 20.02 16.65
CA VAL A 67 0.19 20.09 17.79
C VAL A 67 -1.20 20.66 17.51
N ARG A 68 -1.31 21.46 16.46
CA ARG A 68 -2.56 22.11 16.09
C ARG A 68 -2.65 22.52 14.60
N VAL A 69 -3.85 22.48 14.05
CA VAL A 69 -4.10 22.94 12.69
C VAL A 69 -5.31 23.86 12.63
N ASP A 70 -5.13 25.09 12.18
CA ASP A 70 -6.26 26.03 12.10
C ASP A 70 -6.58 26.44 10.67
N GLY A 71 -7.85 26.75 10.46
CA GLY A 71 -8.34 27.31 9.22
C GLY A 71 -8.08 26.55 7.93
N MET A 72 -8.38 25.26 7.94
CA MET A 72 -8.24 24.44 6.76
C MET A 72 -9.42 24.56 5.84
N THR A 73 -9.18 24.89 4.59
CA THR A 73 -10.27 25.08 3.67
C THR A 73 -9.99 24.28 2.45
N PHE A 74 -10.97 23.48 2.05
CA PHE A 74 -10.89 22.74 0.81
C PHE A 74 -11.63 23.46 -0.29
N LEU A 75 -10.91 24.22 -1.09
CA LEU A 75 -11.51 25.06 -2.12
C LEU A 75 -12.12 24.30 -3.30
N LYS A 76 -11.32 23.50 -4.01
CA LYS A 76 -11.77 22.76 -5.19
C LYS A 76 -11.38 21.30 -5.08
N PRO A 77 -12.21 20.42 -5.63
CA PRO A 77 -11.99 18.96 -5.57
C PRO A 77 -10.77 18.52 -6.38
N VAL A 78 -10.27 17.30 -6.10
CA VAL A 78 -9.10 16.74 -6.79
C VAL A 78 -9.41 15.38 -7.44
N ALA A 79 -8.99 15.19 -8.69
CA ALA A 79 -9.28 13.92 -9.32
C ALA A 79 -8.05 13.05 -9.34
N VAL A 80 -8.22 11.79 -9.75
CA VAL A 80 -7.07 10.89 -9.91
C VAL A 80 -6.40 11.16 -11.26
N GLY A 81 -5.08 11.17 -11.27
CA GLY A 81 -4.34 11.40 -12.51
C GLY A 81 -3.94 12.85 -12.69
N ASP A 82 -4.16 13.67 -11.66
CA ASP A 82 -3.73 15.06 -11.64
C ASP A 82 -2.50 15.20 -10.80
N VAL A 83 -1.68 16.19 -11.10
CA VAL A 83 -0.51 16.43 -10.29
C VAL A 83 -0.88 17.35 -9.18
N VAL A 84 -0.68 16.88 -7.95
CA VAL A 84 -0.98 17.68 -6.79
C VAL A 84 0.31 18.29 -6.27
N CYS A 85 0.38 19.62 -6.31
CA CYS A 85 1.57 20.40 -5.93
C CYS A 85 1.25 21.05 -4.60
N CYS A 86 2.15 20.94 -3.61
CA CYS A 86 1.97 21.57 -2.29
C CYS A 86 2.90 22.75 -2.09
N TYR A 87 2.36 23.91 -1.74
CA TYR A 87 3.21 25.08 -1.58
C TYR A 87 3.16 25.57 -0.13
N ALA A 88 4.32 25.49 0.55
CA ALA A 88 4.37 25.87 1.96
C ALA A 88 5.19 27.14 2.10
N ARG A 89 4.71 28.06 2.93
CA ARG A 89 5.38 29.31 3.26
C ARG A 89 5.27 29.60 4.76
N CYS A 90 6.38 29.78 5.47
CA CYS A 90 6.31 30.04 6.91
C CYS A 90 5.62 31.38 7.20
N ILE A 91 5.04 31.52 8.40
CA ILE A 91 4.30 32.75 8.76
C ILE A 91 4.81 33.45 10.03
N LYS A 92 5.13 32.70 11.09
CA LYS A 92 5.47 33.37 12.35
C LYS A 92 6.84 33.04 12.87
N THR A 93 7.51 34.10 13.25
CA THR A 93 8.83 34.02 13.83
C THR A 93 8.57 33.70 15.32
N GLY A 94 8.19 32.44 15.55
CA GLY A 94 7.89 31.92 16.87
C GLY A 94 9.01 31.01 17.35
N HIS A 95 9.25 31.00 18.67
CA HIS A 95 10.35 30.23 19.23
C HIS A 95 10.10 28.72 19.16
N SER A 96 8.92 28.28 19.58
CA SER A 96 8.63 26.85 19.52
C SER A 96 7.49 26.65 18.54
N SER A 97 6.65 27.68 18.41
CA SER A 97 5.48 27.61 17.55
C SER A 97 5.87 27.89 16.11
N ILE A 98 6.40 26.88 15.42
CA ILE A 98 6.75 27.01 14.00
C ILE A 98 5.48 26.99 13.17
N THR A 99 4.98 28.15 12.79
CA THR A 99 3.74 28.26 12.01
C THR A 99 4.00 28.34 10.52
N ILE A 100 3.34 27.46 9.78
CA ILE A 100 3.57 27.34 8.35
C ILE A 100 2.25 27.40 7.61
N ASN A 101 2.16 28.27 6.61
CA ASN A 101 0.99 28.42 5.78
C ASN A 101 1.09 27.45 4.62
N ILE A 102 0.10 26.56 4.48
CA ILE A 102 0.15 25.55 3.43
C ILE A 102 -1.03 25.59 2.47
N GLU A 103 -0.74 25.58 1.18
CA GLU A 103 -1.80 25.54 0.17
C GLU A 103 -1.57 24.37 -0.77
N VAL A 104 -2.63 23.80 -1.32
CA VAL A 104 -2.50 22.71 -2.31
C VAL A 104 -3.09 23.06 -3.67
N TRP A 105 -2.24 23.08 -4.69
CA TRP A 105 -2.65 23.39 -6.05
C TRP A 105 -2.63 22.16 -6.87
N VAL A 106 -3.59 22.04 -7.77
CA VAL A 106 -3.69 20.86 -8.60
C VAL A 106 -3.43 21.30 -10.02
N LYS A 107 -2.81 20.43 -10.81
CA LYS A 107 -2.54 20.67 -12.22
C LYS A 107 -3.51 19.87 -13.09
N LYS A 108 -3.80 20.37 -14.28
CA LYS A 108 -4.41 19.64 -15.41
C LYS A 108 -5.66 18.74 -15.14
N GLU A 112 -11.88 18.32 -18.83
CA GLU A 112 -10.52 18.39 -18.32
C GLU A 112 -9.58 18.92 -19.39
N PRO A 113 -9.03 20.19 -19.12
CA PRO A 113 -8.01 20.58 -20.09
C PRO A 113 -6.65 20.49 -19.43
N ILE A 114 -5.70 19.80 -20.05
CA ILE A 114 -4.40 19.57 -19.44
C ILE A 114 -3.60 20.85 -19.28
N GLY A 115 -3.10 21.08 -18.07
CA GLY A 115 -2.26 22.23 -17.82
C GLY A 115 -3.00 23.23 -16.97
N GLN A 116 -4.12 22.81 -16.37
CA GLN A 116 -4.95 23.74 -15.62
C GLN A 116 -4.57 23.76 -14.16
N ARG A 117 -4.16 24.94 -13.74
CA ARG A 117 -3.74 25.18 -12.40
C ARG A 117 -4.90 25.84 -11.68
N TYR A 118 -5.14 25.42 -10.45
CA TYR A 118 -6.16 26.03 -9.60
C TYR A 118 -5.81 25.75 -8.16
N ARG A 119 -6.16 26.66 -7.25
CA ARG A 119 -5.89 26.43 -5.82
C ARG A 119 -6.97 25.52 -5.20
N ALA A 120 -6.56 24.40 -4.59
CA ALA A 120 -7.49 23.39 -4.05
C ALA A 120 -7.56 23.36 -2.51
N THR A 121 -6.54 23.89 -1.86
CA THR A 121 -6.58 23.95 -0.40
C THR A 121 -5.85 25.16 0.11
N GLU A 122 -6.33 25.65 1.23
CA GLU A 122 -5.74 26.74 1.93
C GLU A 122 -5.77 26.14 3.33
N ALA A 123 -4.72 26.31 4.13
CA ALA A 123 -4.73 25.93 5.56
C ALA A 123 -3.58 26.55 6.38
N VAL A 124 -3.71 26.60 7.70
CA VAL A 124 -2.60 27.09 8.54
C VAL A 124 -2.13 26.07 9.59
N PHE A 125 -0.96 25.48 9.33
CA PHE A 125 -0.38 24.45 10.18
C PHE A 125 0.50 25.00 11.25
N THR A 126 0.44 24.38 12.42
CA THR A 126 1.27 24.85 13.50
C THR A 126 2.11 23.69 13.99
N TYR A 127 3.42 23.84 13.91
CA TYR A 127 4.33 22.78 14.32
C TYR A 127 5.11 23.16 15.56
N VAL A 128 5.70 22.16 16.20
CA VAL A 128 6.54 22.42 17.36
C VAL A 128 7.77 21.56 17.25
N ALA A 129 8.93 22.19 17.30
CA ALA A 129 10.20 21.48 17.21
C ALA A 129 10.48 20.58 18.41
N VAL A 130 10.75 19.31 18.15
CA VAL A 130 11.10 18.43 19.23
C VAL A 130 12.47 17.87 18.92
N ASP A 131 13.31 17.86 19.94
CA ASP A 131 14.63 17.29 19.81
C ASP A 131 14.47 15.82 20.13
N ASP A 132 15.56 15.13 20.42
CA ASP A 132 15.48 13.70 20.77
C ASP A 132 14.62 13.57 22.03
N ALA A 133 14.49 14.70 22.71
CA ALA A 133 13.59 14.86 23.83
C ALA A 133 12.96 16.23 23.57
N GLY A 134 11.72 16.21 23.09
CA GLY A 134 11.00 17.43 22.76
C GLY A 134 10.63 18.31 23.94
N LYS A 135 10.85 19.61 23.80
CA LYS A 135 10.58 20.56 24.87
C LYS A 135 10.36 21.96 24.29
N LEU B 17 -18.27 4.60 26.14
CA LEU B 17 -17.99 5.60 27.19
C LEU B 17 -17.87 7.00 26.58
N PRO B 18 -17.09 7.16 25.49
CA PRO B 18 -17.00 8.48 24.87
C PRO B 18 -18.28 8.87 24.16
N ASN B 19 -18.36 10.10 23.69
CA ASN B 19 -19.57 10.54 23.05
C ASN B 19 -19.52 10.17 21.58
N GLY B 20 -20.59 10.46 20.86
CA GLY B 20 -20.77 10.14 19.46
C GLY B 20 -20.77 8.68 19.08
N GLU B 21 -20.85 8.43 17.76
CA GLU B 21 -20.92 7.08 17.20
C GLU B 21 -19.55 6.61 16.73
N LEU B 22 -19.17 5.38 17.04
CA LEU B 22 -17.93 4.86 16.52
C LEU B 22 -18.06 4.67 15.03
N VAL B 23 -17.40 5.52 14.27
CA VAL B 23 -17.44 5.42 12.84
C VAL B 23 -16.22 4.67 12.27
N LEU B 24 -15.07 4.78 12.94
CA LEU B 24 -13.86 4.11 12.47
C LEU B 24 -13.04 3.50 13.60
N ARG B 25 -12.52 2.30 13.40
CA ARG B 25 -11.74 1.68 14.45
C ARG B 25 -10.58 0.88 13.88
N THR B 26 -9.37 1.42 13.90
CA THR B 26 -8.27 0.71 13.27
C THR B 26 -7.08 0.58 14.21
N LEU B 27 -6.09 -0.21 13.80
CA LEU B 27 -4.89 -0.44 14.57
C LEU B 27 -3.74 0.43 14.05
N ALA B 28 -2.93 0.99 14.93
CA ALA B 28 -1.80 1.80 14.49
C ALA B 28 -0.74 0.91 13.85
N MET B 29 -0.62 1.00 12.53
CA MET B 29 0.30 0.16 11.75
C MET B 29 1.68 0.78 11.48
N PRO B 30 2.66 -0.08 11.26
CA PRO B 30 3.97 0.34 10.78
C PRO B 30 3.85 0.73 9.31
N ALA B 31 4.79 1.54 8.86
CA ALA B 31 4.79 2.13 7.52
C ALA B 31 3.95 3.39 7.49
N ASP B 32 3.28 3.64 8.61
CA ASP B 32 2.57 4.88 8.88
C ASP B 32 3.34 5.52 10.02
N THR B 33 4.59 5.12 10.19
CA THR B 33 5.37 5.52 11.31
C THR B 33 6.41 6.56 10.89
N ASN B 34 6.99 7.20 11.88
CA ASN B 34 8.09 8.13 11.69
C ASN B 34 9.39 7.55 12.22
N ALA B 35 10.42 8.40 12.35
CA ALA B 35 11.72 7.96 12.85
C ALA B 35 11.69 7.55 14.32
N ASN B 36 10.93 8.27 15.14
CA ASN B 36 10.80 7.95 16.56
C ASN B 36 10.08 6.64 16.85
N GLY B 37 8.95 6.40 16.18
CA GLY B 37 8.18 5.19 16.47
C GLY B 37 6.71 5.41 16.77
N ASP B 38 6.32 6.67 16.95
CA ASP B 38 4.91 6.98 17.13
C ASP B 38 4.34 7.23 15.74
N ILE B 39 3.03 7.07 15.58
CA ILE B 39 2.43 7.32 14.28
C ILE B 39 2.30 8.82 14.08
N PHE B 40 2.85 9.35 13.00
CA PHE B 40 2.75 10.80 12.76
C PHE B 40 1.37 11.28 12.31
N GLY B 41 1.08 12.54 12.61
CA GLY B 41 -0.19 13.14 12.28
C GLY B 41 -0.44 13.23 10.79
N GLY B 42 -1.70 13.08 10.43
CA GLY B 42 -2.14 13.08 9.05
C GLY B 42 -2.59 11.73 8.53
N TRP B 43 -2.09 10.62 9.06
CA TRP B 43 -2.82 9.36 8.96
C TRP B 43 -4.02 9.51 9.86
N LEU B 44 -3.74 10.13 11.00
CA LEU B 44 -4.76 10.37 11.99
C LEU B 44 -5.86 11.17 11.34
N MET B 45 -5.48 12.23 10.64
CA MET B 45 -6.45 13.05 9.90
C MET B 45 -7.14 12.29 8.75
N SER B 46 -6.43 11.37 8.10
CA SER B 46 -7.02 10.54 7.04
C SER B 46 -8.19 9.77 7.63
N GLN B 47 -7.94 9.20 8.81
CA GLN B 47 -8.94 8.46 9.57
C GLN B 47 -10.09 9.35 10.05
N MET B 48 -9.80 10.57 10.48
CA MET B 48 -10.88 11.44 10.89
C MET B 48 -11.79 11.85 9.73
N ASP B 49 -11.19 12.16 8.58
CA ASP B 49 -12.01 12.50 7.41
C ASP B 49 -12.83 11.29 7.01
N ILE B 50 -12.24 10.10 7.06
CA ILE B 50 -12.98 8.89 6.73
C ILE B 50 -14.13 8.66 7.66
N GLY B 51 -13.80 8.63 8.94
CA GLY B 51 -14.75 8.39 10.00
C GLY B 51 -15.90 9.35 9.94
N GLY B 52 -15.64 10.62 9.66
CA GLY B 52 -16.74 11.57 9.52
C GLY B 52 -17.55 11.35 8.23
N ALA B 53 -16.86 11.01 7.16
CA ALA B 53 -17.49 10.81 5.87
C ALA B 53 -18.50 9.69 5.91
N ILE B 54 -18.25 8.70 6.75
CA ILE B 54 -19.18 7.59 6.89
C ILE B 54 -20.54 8.07 7.37
N GLN B 55 -20.52 8.70 8.53
CA GLN B 55 -21.73 9.17 9.13
C GLN B 55 -22.43 10.21 8.29
N ALA B 56 -21.66 11.03 7.59
CA ALA B 56 -22.26 12.00 6.66
C ALA B 56 -23.00 11.29 5.50
N LYS B 57 -22.42 10.25 4.92
CA LYS B 57 -23.13 9.50 3.90
C LYS B 57 -24.34 8.75 4.41
N GLU B 58 -24.30 8.36 5.67
CA GLU B 58 -25.47 7.71 6.27
C GLU B 58 -26.61 8.71 6.41
N ILE B 59 -26.26 9.90 6.92
CA ILE B 59 -27.23 10.97 7.19
C ILE B 59 -27.80 11.65 5.94
N ALA B 60 -26.95 12.12 5.04
CA ALA B 60 -27.40 12.79 3.82
C ALA B 60 -27.98 11.82 2.78
N GLN B 61 -27.77 10.51 3.00
CA GLN B 61 -28.25 9.47 2.09
C GLN B 61 -27.71 9.66 0.69
N GLY B 62 -26.50 10.21 0.61
CA GLY B 62 -25.86 10.46 -0.66
C GLY B 62 -24.48 11.02 -0.47
N ARG B 63 -23.97 11.61 -1.53
CA ARG B 63 -22.59 12.08 -1.56
C ARG B 63 -22.37 13.34 -0.75
N VAL B 64 -21.23 13.36 -0.05
CA VAL B 64 -20.79 14.51 0.72
C VAL B 64 -19.34 14.82 0.37
N VAL B 65 -18.86 15.96 0.79
CA VAL B 65 -17.50 16.39 0.54
C VAL B 65 -16.97 17.15 1.77
N THR B 66 -15.74 16.87 2.21
CA THR B 66 -15.22 17.63 3.34
C THR B 66 -15.01 19.04 2.83
N VAL B 67 -15.43 20.06 3.55
CA VAL B 67 -15.20 21.43 3.04
C VAL B 67 -14.40 22.27 4.00
N ARG B 68 -14.35 21.85 5.24
CA ARG B 68 -13.68 22.67 6.24
C ARG B 68 -13.21 21.76 7.38
N VAL B 69 -12.12 22.11 8.04
CA VAL B 69 -11.68 21.39 9.23
C VAL B 69 -11.36 22.43 10.28
N ASP B 70 -11.99 22.33 11.43
CA ASP B 70 -11.86 23.40 12.39
C ASP B 70 -11.16 22.94 13.67
N GLY B 71 -10.29 23.78 14.21
CA GLY B 71 -9.76 23.56 15.54
C GLY B 71 -9.18 22.20 15.88
N MET B 72 -8.28 21.70 15.05
CA MET B 72 -7.65 20.44 15.37
C MET B 72 -6.49 20.59 16.34
N THR B 73 -6.47 19.77 17.38
CA THR B 73 -5.42 19.83 18.36
C THR B 73 -4.84 18.46 18.54
N PHE B 74 -3.51 18.34 18.55
CA PHE B 74 -2.86 17.07 18.82
C PHE B 74 -2.55 16.91 20.28
N LEU B 75 -3.51 16.30 20.96
CA LEU B 75 -3.49 16.17 22.40
C LEU B 75 -2.39 15.24 22.87
N LYS B 76 -2.45 14.00 22.41
CA LYS B 76 -1.51 12.97 22.82
C LYS B 76 -0.99 12.18 21.63
N PRO B 77 0.28 11.74 21.71
CA PRO B 77 0.89 10.95 20.64
C PRO B 77 0.31 9.55 20.63
N VAL B 78 0.45 8.82 19.51
CA VAL B 78 0.00 7.42 19.40
C VAL B 78 1.14 6.53 18.96
N ALA B 79 1.31 5.39 19.60
CA ALA B 79 2.41 4.55 19.21
C ALA B 79 1.89 3.51 18.26
N VAL B 80 2.80 2.71 17.73
CA VAL B 80 2.44 1.64 16.84
C VAL B 80 1.96 0.44 17.68
N GLY B 81 0.92 -0.22 17.23
CA GLY B 81 0.38 -1.39 17.92
C GLY B 81 -0.78 -1.02 18.84
N ASP B 82 -1.22 0.22 18.75
CA ASP B 82 -2.32 0.71 19.56
C ASP B 82 -3.58 0.82 18.71
N VAL B 83 -4.76 0.72 19.35
CA VAL B 83 -6.04 0.82 18.63
C VAL B 83 -6.54 2.25 18.55
N VAL B 84 -6.72 2.72 17.31
CA VAL B 84 -7.18 4.07 16.99
C VAL B 84 -8.68 4.08 16.71
N CYS B 85 -9.45 4.79 17.54
CA CYS B 85 -10.91 4.84 17.41
C CYS B 85 -11.45 6.22 17.01
N CYS B 86 -12.38 6.26 16.04
CA CYS B 86 -13.10 7.50 15.68
C CYS B 86 -14.53 7.51 16.14
N TYR B 87 -14.91 8.55 16.86
CA TYR B 87 -16.29 8.74 17.28
C TYR B 87 -16.80 10.04 16.68
N ALA B 88 -17.81 9.98 15.83
CA ALA B 88 -18.29 11.18 15.18
C ALA B 88 -19.63 11.58 15.75
N ARG B 89 -19.85 12.88 15.91
CA ARG B 89 -21.13 13.38 16.36
C ARG B 89 -21.60 14.50 15.50
N CYS B 90 -22.72 14.36 14.82
CA CYS B 90 -23.25 15.51 14.08
C CYS B 90 -23.73 16.53 15.11
N ILE B 91 -23.64 17.81 14.76
CA ILE B 91 -24.06 18.88 15.66
C ILE B 91 -25.01 19.86 14.93
N LYS B 92 -24.65 20.15 13.70
CA LYS B 92 -25.30 21.15 12.87
C LYS B 92 -25.74 20.57 11.56
N THR B 93 -26.90 21.00 11.13
CA THR B 93 -27.44 20.76 9.82
C THR B 93 -27.82 22.12 9.22
N GLY B 94 -27.34 22.38 8.01
CA GLY B 94 -27.66 23.59 7.30
C GLY B 94 -28.67 23.08 6.29
N HIS B 95 -28.86 23.79 5.20
CA HIS B 95 -29.77 23.33 4.18
C HIS B 95 -29.16 22.08 3.60
N SER B 96 -27.88 22.18 3.30
CA SER B 96 -27.07 21.08 2.82
C SER B 96 -25.84 20.82 3.75
N SER B 97 -25.41 21.84 4.49
CA SER B 97 -24.17 21.80 5.28
C SER B 97 -24.22 21.06 6.63
N ILE B 98 -23.37 20.04 6.76
CA ILE B 98 -23.22 19.23 7.98
C ILE B 98 -21.96 19.44 8.83
N THR B 99 -22.11 19.97 10.04
CA THR B 99 -20.97 20.12 10.95
C THR B 99 -20.90 18.97 11.97
N ILE B 100 -19.77 18.27 12.02
CA ILE B 100 -19.61 17.10 12.90
C ILE B 100 -18.35 17.13 13.74
N ASN B 101 -18.50 16.96 15.05
CA ASN B 101 -17.37 16.94 15.96
C ASN B 101 -16.84 15.52 16.03
N ILE B 102 -15.55 15.35 15.71
CA ILE B 102 -14.90 14.05 15.60
C ILE B 102 -13.82 13.86 16.64
N GLU B 103 -13.86 12.70 17.28
CA GLU B 103 -12.98 12.36 18.39
C GLU B 103 -12.10 11.15 18.07
N VAL B 104 -10.82 11.21 18.39
CA VAL B 104 -9.92 10.08 18.15
C VAL B 104 -9.31 9.69 19.47
N TRP B 105 -9.68 8.48 19.89
CA TRP B 105 -9.27 7.92 21.17
C TRP B 105 -8.37 6.72 20.93
N VAL B 106 -7.50 6.38 21.85
CA VAL B 106 -6.72 5.16 21.66
C VAL B 106 -7.23 4.14 22.65
N LYS B 107 -7.51 2.92 22.20
CA LYS B 107 -8.07 1.90 23.08
C LYS B 107 -7.04 1.18 23.97
N LYS B 108 -5.94 0.78 23.37
CA LYS B 108 -4.95 -0.04 24.04
C LYS B 108 -3.57 0.53 23.91
N VAL B 109 -2.78 0.51 24.98
CA VAL B 109 -1.44 1.09 24.89
C VAL B 109 -0.38 0.03 24.60
N SER B 110 -0.17 -0.27 23.32
CA SER B 110 0.78 -1.32 22.95
C SER B 110 0.32 -2.65 23.56
N SER B 111 1.27 -3.41 24.07
CA SER B 111 1.00 -4.67 24.74
C SER B 111 0.38 -4.61 26.14
N GLU B 112 0.91 -3.74 26.99
CA GLU B 112 0.71 -3.89 28.43
C GLU B 112 -0.16 -2.89 29.17
N PRO B 113 0.07 -1.53 28.90
CA PRO B 113 -0.74 -0.64 29.75
C PRO B 113 -2.12 -0.65 29.14
N ILE B 114 -2.68 -1.86 29.12
CA ILE B 114 -3.96 -2.14 28.51
C ILE B 114 -5.10 -1.48 29.25
N GLY B 115 -6.03 -0.94 28.50
CA GLY B 115 -7.28 -0.39 29.02
C GLY B 115 -7.18 1.06 29.44
N GLN B 116 -6.05 1.67 29.10
CA GLN B 116 -5.84 3.08 29.37
C GLN B 116 -6.24 3.70 28.08
N ARG B 117 -7.49 4.14 28.04
CA ARG B 117 -8.03 4.66 26.84
C ARG B 117 -7.89 6.14 26.98
N TYR B 118 -7.48 6.80 25.92
CA TYR B 118 -7.32 8.22 26.00
C TYR B 118 -7.54 8.80 24.63
N ARG B 119 -8.11 10.00 24.59
CA ARG B 119 -8.34 10.71 23.35
C ARG B 119 -7.08 11.35 22.83
N ALA B 120 -6.76 11.09 21.57
CA ALA B 120 -5.51 11.56 21.00
C ALA B 120 -5.70 12.74 20.04
N THR B 121 -6.90 12.90 19.47
CA THR B 121 -7.12 14.07 18.61
C THR B 121 -8.57 14.44 18.54
N GLU B 122 -8.91 15.71 18.46
CA GLU B 122 -10.30 16.01 18.23
C GLU B 122 -10.39 17.21 17.34
N ALA B 123 -11.41 17.26 16.50
CA ALA B 123 -11.56 18.40 15.60
C ALA B 123 -13.01 18.55 15.15
N VAL B 124 -13.33 19.69 14.56
CA VAL B 124 -14.70 19.90 14.11
C VAL B 124 -14.75 20.02 12.59
N PHE B 125 -15.22 18.94 11.99
CA PHE B 125 -15.24 18.76 10.55
C PHE B 125 -16.48 19.26 9.85
N THR B 126 -16.34 19.81 8.65
CA THR B 126 -17.51 20.31 7.92
C THR B 126 -17.61 19.69 6.54
N TYR B 127 -18.69 18.93 6.34
CA TYR B 127 -18.95 18.21 5.06
C TYR B 127 -20.18 18.80 4.40
N VAL B 128 -20.36 18.50 3.13
CA VAL B 128 -21.51 19.03 2.39
C VAL B 128 -22.21 18.06 1.42
N ALA B 129 -23.52 17.82 1.58
CA ALA B 129 -24.21 16.93 0.64
C ALA B 129 -24.26 17.57 -0.74
N VAL B 130 -23.64 16.89 -1.69
CA VAL B 130 -23.53 17.32 -3.07
C VAL B 130 -24.06 16.26 -3.99
N ASP B 131 -24.32 16.66 -5.23
CA ASP B 131 -24.67 15.74 -6.29
C ASP B 131 -23.46 15.16 -7.03
N ASP B 132 -23.72 14.41 -8.10
CA ASP B 132 -22.67 13.85 -8.96
C ASP B 132 -21.94 14.91 -9.75
N ALA B 133 -22.54 16.08 -9.84
CA ALA B 133 -21.89 17.19 -10.50
C ALA B 133 -21.32 18.08 -9.40
N GLY B 134 -20.99 17.47 -8.26
CA GLY B 134 -20.40 18.17 -7.14
C GLY B 134 -21.14 19.38 -6.63
N LYS B 135 -22.41 19.51 -6.97
CA LYS B 135 -23.11 20.70 -6.57
C LYS B 135 -23.90 20.33 -5.35
N PRO B 136 -24.04 21.29 -4.44
CA PRO B 136 -24.77 21.10 -3.20
C PRO B 136 -26.18 20.66 -3.52
N ARG B 137 -26.79 19.99 -2.56
CA ARG B 137 -28.16 19.51 -2.70
C ARG B 137 -28.84 19.58 -1.35
N GLY B 138 -30.16 19.55 -1.35
CA GLY B 138 -30.91 19.65 -0.13
C GLY B 138 -30.66 18.46 0.78
N LEU B 139 -30.91 18.64 2.06
CA LEU B 139 -30.65 17.58 3.02
C LEU B 139 -31.93 16.88 3.45
N PRO B 140 -31.92 15.56 3.35
CA PRO B 140 -33.05 14.72 3.77
C PRO B 140 -33.31 14.84 5.27
N SER B 141 -34.32 15.62 5.62
CA SER B 141 -34.67 15.82 7.00
C SER B 141 -35.94 15.06 7.30
N LEU C 17 11.04 -20.07 -25.98
CA LEU C 17 10.65 -20.39 -24.61
C LEU C 17 11.61 -19.84 -23.57
N PRO C 18 11.13 -19.68 -22.32
CA PRO C 18 11.97 -18.99 -21.34
C PRO C 18 13.23 -19.74 -20.98
N ASN C 19 14.34 -19.00 -20.94
CA ASN C 19 15.65 -19.51 -20.54
C ASN C 19 16.03 -18.90 -19.19
N GLY C 20 16.61 -19.68 -18.30
CA GLY C 20 17.01 -19.16 -17.01
C GLY C 20 16.15 -19.68 -15.88
N GLU C 21 16.32 -19.09 -14.71
CA GLU C 21 15.55 -19.48 -13.54
C GLU C 21 14.31 -18.62 -13.30
N LEU C 22 13.19 -19.28 -13.02
CA LEU C 22 11.97 -18.59 -12.66
C LEU C 22 12.24 -18.10 -11.25
N VAL C 23 12.37 -16.79 -11.09
CA VAL C 23 12.63 -16.21 -9.78
C VAL C 23 11.33 -15.77 -9.08
N LEU C 24 10.35 -15.33 -9.86
CA LEU C 24 9.12 -14.84 -9.27
C LEU C 24 7.91 -15.35 -10.03
N ARG C 25 6.82 -15.63 -9.30
CA ARG C 25 5.58 -16.01 -9.93
C ARG C 25 4.55 -15.21 -9.19
N THR C 26 4.12 -14.13 -9.82
CA THR C 26 3.20 -13.19 -9.21
C THR C 26 2.07 -12.85 -10.14
N LEU C 27 1.00 -12.29 -9.56
CA LEU C 27 -0.20 -11.91 -10.31
C LEU C 27 -0.36 -10.40 -10.45
N ALA C 28 -0.79 -9.95 -11.62
CA ALA C 28 -1.03 -8.52 -11.85
C ALA C 28 -2.24 -8.01 -11.05
N MET C 29 -1.99 -7.22 -10.02
CA MET C 29 -3.05 -6.67 -9.17
C MET C 29 -3.52 -5.33 -9.69
N PRO C 30 -4.78 -4.99 -9.41
CA PRO C 30 -5.35 -3.68 -9.77
C PRO C 30 -4.57 -2.55 -9.05
N ALA C 31 -4.15 -2.78 -7.83
CA ALA C 31 -3.55 -1.71 -7.06
C ALA C 31 -2.36 -1.19 -7.85
N ASP C 32 -1.86 -2.01 -8.75
CA ASP C 32 -0.63 -1.71 -9.47
C ASP C 32 -0.87 -1.18 -10.86
N THR C 33 -2.05 -0.64 -11.09
CA THR C 33 -2.36 -0.23 -12.43
C THR C 33 -2.35 1.26 -12.59
N ASN C 34 -2.57 1.65 -13.83
CA ASN C 34 -2.79 3.03 -14.17
C ASN C 34 -4.29 3.16 -14.49
N ALA C 35 -4.68 4.30 -15.05
CA ALA C 35 -6.07 4.56 -15.40
C ALA C 35 -6.54 3.63 -16.52
N ASN C 36 -5.60 3.26 -17.39
CA ASN C 36 -5.91 2.46 -18.57
C ASN C 36 -6.49 1.06 -18.30
N GLY C 37 -5.92 0.34 -17.34
CA GLY C 37 -6.40 -1.00 -17.06
C GLY C 37 -5.25 -1.97 -17.11
N ASP C 38 -4.11 -1.47 -17.61
CA ASP C 38 -2.91 -2.28 -17.63
C ASP C 38 -2.00 -1.95 -16.48
N ILE C 39 -1.07 -2.84 -16.22
CA ILE C 39 -0.17 -2.65 -15.10
C ILE C 39 0.84 -1.57 -15.43
N PHE C 40 1.02 -0.61 -14.52
CA PHE C 40 2.00 0.44 -14.70
C PHE C 40 3.40 -0.15 -14.64
N GLY C 41 4.25 0.16 -15.62
CA GLY C 41 5.47 -0.60 -15.70
C GLY C 41 6.57 -0.16 -14.76
N GLY C 42 6.30 0.87 -13.98
CA GLY C 42 6.78 0.89 -12.62
C GLY C 42 6.75 -0.48 -11.98
N TRP C 43 5.56 -1.10 -11.97
CA TRP C 43 5.38 -2.33 -11.22
C TRP C 43 6.23 -3.46 -11.76
N LEU C 44 6.27 -3.55 -13.09
CA LEU C 44 7.07 -4.57 -13.78
C LEU C 44 8.53 -4.44 -13.49
N MET C 45 9.06 -3.23 -13.62
CA MET C 45 10.45 -3.04 -13.30
C MET C 45 10.74 -3.38 -11.85
N SER C 46 9.80 -3.09 -10.95
CA SER C 46 9.96 -3.45 -9.53
C SER C 46 10.11 -4.96 -9.37
N GLN C 47 9.28 -5.67 -10.12
CA GLN C 47 9.28 -7.12 -10.08
C GLN C 47 10.58 -7.70 -10.62
N MET C 48 11.06 -7.12 -11.72
CA MET C 48 12.28 -7.59 -12.34
C MET C 48 13.44 -7.33 -11.38
N ASP C 49 13.47 -6.18 -10.73
CA ASP C 49 14.52 -5.90 -9.74
C ASP C 49 14.49 -6.89 -8.61
N ILE C 50 13.31 -7.26 -8.12
CA ILE C 50 13.26 -8.22 -7.01
C ILE C 50 13.87 -9.53 -7.48
N GLY C 51 13.38 -9.97 -8.63
CA GLY C 51 13.82 -11.20 -9.25
C GLY C 51 15.31 -11.27 -9.52
N GLY C 52 15.91 -10.15 -9.88
CA GLY C 52 17.35 -10.15 -10.04
C GLY C 52 18.07 -10.21 -8.70
N ALA C 53 17.60 -9.41 -7.74
CA ALA C 53 18.25 -9.31 -6.43
C ALA C 53 18.29 -10.64 -5.72
N ILE C 54 17.29 -11.47 -5.98
CA ILE C 54 17.26 -12.81 -5.42
C ILE C 54 18.44 -13.69 -5.93
N GLN C 55 18.55 -13.87 -7.24
CA GLN C 55 19.64 -14.70 -7.77
C GLN C 55 20.96 -14.11 -7.40
N ALA C 56 21.06 -12.79 -7.41
CA ALA C 56 22.33 -12.19 -7.05
C ALA C 56 22.67 -12.59 -5.62
N LYS C 57 21.70 -12.47 -4.72
CA LYS C 57 21.96 -12.84 -3.34
C LYS C 57 22.32 -14.31 -3.24
N GLU C 58 21.84 -15.16 -4.14
CA GLU C 58 22.29 -16.54 -4.12
C GLU C 58 23.73 -16.63 -4.54
N ILE C 59 24.11 -15.87 -5.57
CA ILE C 59 25.46 -15.96 -6.08
C ILE C 59 26.44 -15.40 -5.05
N ALA C 60 26.17 -14.19 -4.57
CA ALA C 60 26.99 -13.58 -3.53
C ALA C 60 26.69 -14.16 -2.15
N GLN C 61 25.58 -14.89 -2.00
CA GLN C 61 25.21 -15.48 -0.71
C GLN C 61 25.21 -14.45 0.39
N GLY C 62 24.82 -13.24 0.04
CA GLY C 62 24.80 -12.13 0.96
C GLY C 62 24.13 -10.97 0.28
N ARG C 63 24.36 -9.76 0.77
CA ARG C 63 23.65 -8.58 0.27
C ARG C 63 24.16 -8.04 -1.07
N VAL C 64 23.24 -7.64 -1.94
CA VAL C 64 23.56 -7.05 -3.26
C VAL C 64 22.85 -5.75 -3.44
N VAL C 65 23.22 -5.04 -4.50
CA VAL C 65 22.62 -3.75 -4.79
C VAL C 65 22.42 -3.55 -6.28
N THR C 66 21.26 -3.02 -6.68
CA THR C 66 21.07 -2.70 -8.08
C THR C 66 21.94 -1.48 -8.40
N VAL C 67 22.72 -1.55 -9.46
CA VAL C 67 23.55 -0.42 -9.84
C VAL C 67 23.34 -0.06 -11.28
N ARG C 68 22.89 -1.00 -12.09
CA ARG C 68 22.75 -0.55 -13.45
C ARG C 68 21.65 -1.34 -14.12
N VAL C 69 20.90 -0.70 -14.99
CA VAL C 69 19.86 -1.38 -15.74
C VAL C 69 19.94 -0.95 -17.19
N ASP C 70 20.26 -1.86 -18.09
CA ASP C 70 20.45 -1.49 -19.49
C ASP C 70 19.48 -2.24 -20.41
N GLY C 71 19.12 -1.63 -21.52
CA GLY C 71 18.35 -2.27 -22.57
C GLY C 71 17.03 -2.89 -22.15
N MET C 72 16.28 -2.11 -21.37
CA MET C 72 14.95 -2.48 -20.92
C MET C 72 13.94 -2.17 -22.00
N THR C 73 13.11 -3.13 -22.38
CA THR C 73 12.13 -2.86 -23.42
C THR C 73 10.75 -3.27 -22.94
N PHE C 74 9.76 -2.39 -23.04
CA PHE C 74 8.39 -2.84 -22.72
C PHE C 74 7.68 -3.24 -24.03
N LEU C 75 7.84 -4.52 -24.38
CA LEU C 75 7.39 -5.07 -25.65
C LEU C 75 5.88 -5.12 -25.80
N LYS C 76 5.22 -5.81 -24.87
CA LYS C 76 3.79 -6.01 -25.01
C LYS C 76 3.11 -5.56 -23.74
N PRO C 77 1.92 -4.96 -23.88
CA PRO C 77 1.25 -4.55 -22.66
C PRO C 77 0.82 -5.78 -21.87
N VAL C 78 0.59 -5.58 -20.56
CA VAL C 78 0.21 -6.63 -19.63
C VAL C 78 -1.11 -6.23 -18.99
N ALA C 79 -2.03 -7.16 -18.84
CA ALA C 79 -3.30 -6.76 -18.26
C ALA C 79 -3.37 -7.18 -16.80
N VAL C 80 -4.43 -6.76 -16.15
CA VAL C 80 -4.67 -7.06 -14.74
C VAL C 80 -5.23 -8.48 -14.61
N GLY C 81 -4.73 -9.23 -13.63
CA GLY C 81 -5.22 -10.56 -13.39
C GLY C 81 -4.43 -11.66 -14.09
N ASP C 82 -3.33 -11.29 -14.73
CA ASP C 82 -2.48 -12.26 -15.42
C ASP C 82 -1.24 -12.59 -14.62
N VAL C 83 -0.67 -13.77 -14.86
CA VAL C 83 0.48 -14.20 -14.06
C VAL C 83 1.76 -13.64 -14.58
N VAL C 84 2.47 -12.91 -13.74
CA VAL C 84 3.73 -12.35 -14.16
C VAL C 84 4.91 -13.16 -13.67
N CYS C 85 5.63 -13.77 -14.62
CA CYS C 85 6.79 -14.61 -14.32
C CYS C 85 8.12 -13.98 -14.80
N CYS C 86 9.11 -13.92 -13.92
CA CYS C 86 10.44 -13.39 -14.29
C CYS C 86 11.46 -14.50 -14.43
N TYR C 87 12.16 -14.49 -15.55
CA TYR C 87 13.20 -15.47 -15.81
C TYR C 87 14.57 -14.77 -15.87
N ALA C 88 15.45 -15.15 -14.93
CA ALA C 88 16.78 -14.55 -14.80
C ALA C 88 17.96 -15.48 -15.12
N ARG C 89 18.97 -14.96 -15.84
CA ARG C 89 20.25 -15.66 -16.16
C ARG C 89 21.46 -14.77 -15.89
N CYS C 90 22.43 -15.19 -15.07
CA CYS C 90 23.62 -14.36 -14.92
C CYS C 90 24.45 -14.40 -16.21
N ILE C 91 25.12 -13.31 -16.53
CA ILE C 91 25.95 -13.24 -17.73
C ILE C 91 27.38 -12.90 -17.37
N LYS C 92 27.55 -11.94 -16.47
CA LYS C 92 28.88 -11.53 -16.10
C LYS C 92 28.98 -11.65 -14.58
N THR C 93 30.09 -12.23 -14.16
CA THR C 93 30.40 -12.34 -12.75
C THR C 93 31.69 -11.57 -12.50
N GLY C 94 31.58 -10.25 -12.47
CA GLY C 94 32.71 -9.38 -12.21
C GLY C 94 33.34 -9.65 -10.85
N HIS C 95 34.12 -8.69 -10.35
CA HIS C 95 34.75 -8.88 -9.06
C HIS C 95 33.76 -8.84 -7.91
N SER C 96 32.91 -7.81 -7.94
CA SER C 96 31.81 -7.67 -6.98
C SER C 96 30.51 -7.71 -7.80
N SER C 97 30.60 -7.32 -9.07
CA SER C 97 29.42 -7.17 -9.92
C SER C 97 28.89 -8.45 -10.50
N ILE C 98 27.59 -8.58 -10.36
CA ILE C 98 26.78 -9.65 -10.90
C ILE C 98 25.87 -9.11 -11.99
N THR C 99 26.06 -9.50 -13.24
CA THR C 99 25.12 -9.07 -14.27
C THR C 99 24.08 -10.17 -14.50
N ILE C 100 22.82 -9.77 -14.55
CA ILE C 100 21.67 -10.64 -14.71
C ILE C 100 20.70 -10.19 -15.80
N ASN C 101 20.39 -11.08 -16.72
CA ASN C 101 19.40 -10.85 -17.75
C ASN C 101 18.01 -11.26 -17.23
N ILE C 102 17.05 -10.34 -17.27
CA ILE C 102 15.70 -10.61 -16.73
C ILE C 102 14.65 -10.45 -17.80
N GLU C 103 13.78 -11.43 -17.93
CA GLU C 103 12.67 -11.32 -18.85
C GLU C 103 11.38 -11.56 -18.13
N VAL C 104 10.31 -10.94 -18.63
CA VAL C 104 9.01 -11.13 -18.01
C VAL C 104 8.08 -11.79 -18.97
N TRP C 105 7.65 -13.00 -18.62
CA TRP C 105 6.68 -13.71 -19.42
C TRP C 105 5.39 -13.76 -18.66
N VAL C 106 4.32 -13.56 -19.40
CA VAL C 106 3.04 -13.47 -18.79
C VAL C 106 2.27 -14.70 -19.17
N LYS C 107 1.64 -15.32 -18.19
CA LYS C 107 0.74 -16.43 -18.43
C LYS C 107 -0.63 -15.81 -18.27
N LYS C 108 -1.61 -16.34 -18.98
CA LYS C 108 -2.92 -15.72 -19.09
C LYS C 108 -3.93 -16.45 -18.25
N VAL C 109 -4.46 -15.77 -17.25
CA VAL C 109 -5.40 -16.41 -16.35
C VAL C 109 -6.87 -16.32 -16.73
N SER C 110 -7.29 -15.12 -17.12
CA SER C 110 -8.72 -14.75 -17.11
C SER C 110 -9.39 -14.38 -18.45
N GLN C 116 -1.62 -18.98 -22.21
CA GLN C 116 -0.68 -18.40 -23.19
C GLN C 116 0.41 -17.51 -22.61
N ARG C 117 1.64 -17.86 -22.94
CA ARG C 117 2.76 -17.08 -22.47
C ARG C 117 3.13 -16.11 -23.57
N TYR C 118 3.45 -14.88 -23.18
CA TYR C 118 3.92 -13.92 -24.14
C TYR C 118 4.82 -13.06 -23.32
N ARG C 119 6.02 -12.77 -23.85
CA ARG C 119 6.99 -11.91 -23.19
C ARG C 119 6.69 -10.45 -23.44
N ALA C 120 6.55 -9.71 -22.35
CA ALA C 120 6.13 -8.33 -22.44
C ALA C 120 7.25 -7.32 -22.20
N THR C 121 8.31 -7.78 -21.53
CA THR C 121 9.46 -6.95 -21.17
C THR C 121 10.76 -7.76 -21.12
N GLU C 122 11.85 -7.09 -21.48
CA GLU C 122 13.18 -7.65 -21.41
C GLU C 122 14.14 -6.61 -20.85
N ALA C 123 15.06 -7.00 -19.98
CA ALA C 123 15.97 -6.00 -19.43
C ALA C 123 17.22 -6.62 -18.90
N VAL C 124 18.28 -5.84 -18.78
CA VAL C 124 19.53 -6.38 -18.27
C VAL C 124 19.99 -5.67 -17.01
N PHE C 125 19.78 -6.34 -15.90
CA PHE C 125 20.07 -5.80 -14.58
C PHE C 125 21.47 -6.09 -14.12
N THR C 126 22.03 -5.15 -13.40
CA THR C 126 23.37 -5.25 -12.87
C THR C 126 23.34 -4.96 -11.39
N TYR C 127 23.80 -5.94 -10.62
CA TYR C 127 23.90 -5.88 -9.17
C TYR C 127 25.33 -5.87 -8.68
N VAL C 128 25.52 -5.53 -7.42
CA VAL C 128 26.83 -5.49 -6.81
C VAL C 128 26.86 -6.11 -5.43
N ALA C 129 27.75 -7.07 -5.23
CA ALA C 129 27.85 -7.75 -3.96
C ALA C 129 28.31 -6.79 -2.91
N VAL C 130 27.47 -6.56 -1.92
CA VAL C 130 27.82 -5.62 -0.90
C VAL C 130 27.78 -6.32 0.43
N ASP C 131 28.53 -5.76 1.38
CA ASP C 131 28.51 -6.25 2.73
C ASP C 131 27.43 -5.60 3.58
N ASP C 132 27.46 -5.89 4.87
CA ASP C 132 26.51 -5.37 5.84
C ASP C 132 26.60 -3.83 6.04
N ALA C 133 27.73 -3.22 5.66
CA ALA C 133 27.91 -1.76 5.77
C ALA C 133 27.75 -1.11 4.40
N GLY C 134 26.99 -1.74 3.53
CA GLY C 134 26.79 -1.23 2.20
C GLY C 134 28.00 -1.01 1.33
N LYS C 135 29.14 -1.64 1.65
CA LYS C 135 30.31 -1.52 0.75
C LYS C 135 30.63 -2.80 -0.06
N PRO C 136 31.12 -2.61 -1.31
CA PRO C 136 31.35 -3.77 -2.19
C PRO C 136 32.26 -4.86 -1.62
N ARG C 137 32.04 -6.11 -2.06
CA ARG C 137 32.86 -7.23 -1.65
C ARG C 137 33.04 -8.29 -2.75
N GLY C 138 34.04 -9.15 -2.56
CA GLY C 138 34.40 -10.19 -3.50
C GLY C 138 33.34 -11.26 -3.69
N LEU C 139 33.47 -12.00 -4.77
CA LEU C 139 32.51 -13.04 -5.09
C LEU C 139 32.99 -14.46 -4.77
N PRO C 140 32.15 -15.22 -4.05
CA PRO C 140 32.42 -16.61 -3.64
C PRO C 140 32.54 -17.60 -4.80
N SER C 141 32.67 -18.88 -4.46
CA SER C 141 32.82 -19.95 -5.46
C SER C 141 32.14 -21.26 -5.00
N GLY C 142 31.15 -21.96 -5.80
CA GLY C 142 30.02 -22.73 -5.30
C GLY C 142 29.70 -23.89 -6.23
N SER D 16 20.97 27.99 -9.11
CA SER D 16 20.40 26.78 -8.53
C SER D 16 19.40 26.13 -9.49
N LEU D 17 19.62 26.30 -10.79
CA LEU D 17 18.64 25.90 -11.79
C LEU D 17 18.83 24.52 -12.36
N PRO D 18 17.88 23.63 -12.09
CA PRO D 18 17.86 22.32 -12.73
C PRO D 18 17.54 22.47 -14.24
N ASN D 19 18.21 21.72 -15.10
CA ASN D 19 18.04 21.89 -16.56
C ASN D 19 16.64 21.52 -17.08
N GLY D 20 16.02 20.49 -16.49
CA GLY D 20 14.68 20.06 -16.86
C GLY D 20 13.71 20.50 -15.78
N GLU D 21 12.46 20.04 -15.82
CA GLU D 21 11.51 20.45 -14.78
C GLU D 21 11.39 19.42 -13.66
N LEU D 22 11.27 19.93 -12.44
CA LEU D 22 10.99 19.10 -11.30
C LEU D 22 9.56 18.61 -11.49
N VAL D 23 9.40 17.32 -11.81
CA VAL D 23 8.08 16.76 -12.04
C VAL D 23 7.51 16.08 -10.80
N LEU D 24 8.36 15.51 -9.95
CA LEU D 24 7.90 14.90 -8.70
C LEU D 24 8.78 15.22 -7.50
N ARG D 25 8.16 15.49 -6.36
CA ARG D 25 8.89 15.73 -5.13
C ARG D 25 8.21 15.06 -3.96
N THR D 26 8.81 14.01 -3.46
CA THR D 26 8.24 13.28 -2.35
C THR D 26 9.29 13.04 -1.28
N LEU D 27 8.87 12.52 -0.14
CA LEU D 27 9.77 12.21 0.97
C LEU D 27 10.07 10.71 1.03
N ALA D 28 11.32 10.31 1.24
CA ALA D 28 11.64 8.88 1.32
C ALA D 28 11.15 8.26 2.61
N MET D 29 10.05 7.51 2.53
CA MET D 29 9.49 6.91 3.74
C MET D 29 10.01 5.51 3.97
N PRO D 30 10.08 5.08 5.24
CA PRO D 30 10.64 3.77 5.55
C PRO D 30 9.90 2.60 4.89
N ALA D 31 8.72 2.85 4.34
CA ALA D 31 7.96 1.82 3.64
C ALA D 31 8.74 1.23 2.45
N ASP D 32 9.75 1.96 2.01
CA ASP D 32 10.50 1.64 0.83
C ASP D 32 11.91 1.15 1.09
N THR D 33 12.11 0.40 2.18
CA THR D 33 13.46 0.03 2.52
C THR D 33 13.86 -1.40 2.19
N ASN D 34 15.15 -1.66 2.35
CA ASN D 34 15.71 -2.99 2.24
C ASN D 34 16.19 -3.48 3.59
N ALA D 35 17.00 -4.52 3.56
CA ALA D 35 17.61 -5.01 4.77
C ALA D 35 18.71 -4.03 5.31
N ASN D 36 19.57 -3.42 4.46
CA ASN D 36 20.60 -2.49 4.99
C ASN D 36 19.95 -1.20 5.54
N GLY D 37 18.95 -0.67 4.83
CA GLY D 37 18.31 0.56 5.26
C GLY D 37 18.12 1.63 4.20
N ASP D 38 18.69 1.40 3.02
CA ASP D 38 18.51 2.32 1.89
C ASP D 38 17.20 2.05 1.21
N ILE D 39 16.79 3.00 0.39
CA ILE D 39 15.57 2.82 -0.35
C ILE D 39 15.80 1.90 -1.52
N PHE D 40 14.93 0.92 -1.64
CA PHE D 40 15.02 -0.08 -2.67
C PHE D 40 14.69 0.62 -3.97
N GLY D 41 15.51 0.43 -5.00
CA GLY D 41 15.38 1.23 -6.19
C GLY D 41 14.40 0.77 -7.25
N GLY D 42 13.72 -0.33 -7.00
CA GLY D 42 12.34 -0.50 -7.44
C GLY D 42 11.53 0.77 -7.35
N TRP D 43 11.46 1.29 -6.13
CA TRP D 43 10.64 2.43 -5.82
C TRP D 43 11.15 3.65 -6.59
N LEU D 44 12.47 3.74 -6.72
CA LEU D 44 13.11 4.79 -7.50
C LEU D 44 12.71 4.77 -8.97
N MET D 45 12.77 3.61 -9.59
CA MET D 45 12.38 3.47 -10.98
C MET D 45 10.91 3.79 -11.22
N SER D 46 10.08 3.43 -10.26
CA SER D 46 8.64 3.76 -10.32
C SER D 46 8.42 5.27 -10.23
N GLN D 47 9.19 5.92 -9.36
CA GLN D 47 9.11 7.36 -9.22
C GLN D 47 9.53 8.01 -10.51
N MET D 48 10.60 7.52 -11.09
CA MET D 48 11.07 8.11 -12.30
C MET D 48 10.08 7.92 -13.41
N ASP D 49 9.59 6.71 -13.57
CA ASP D 49 8.70 6.44 -14.68
C ASP D 49 7.45 7.30 -14.57
N ILE D 50 6.86 7.42 -13.38
CA ILE D 50 5.70 8.29 -13.22
C ILE D 50 6.01 9.76 -13.50
N GLY D 51 7.05 10.27 -12.85
CA GLY D 51 7.45 11.66 -13.00
C GLY D 51 7.71 12.05 -14.43
N GLY D 52 8.32 11.15 -15.18
CA GLY D 52 8.58 11.39 -16.59
C GLY D 52 7.29 11.34 -17.35
N ALA D 53 6.42 10.41 -16.97
CA ALA D 53 5.15 10.24 -17.65
C ALA D 53 4.35 11.52 -17.52
N ILE D 54 4.53 12.26 -16.46
CA ILE D 54 3.79 13.50 -16.34
C ILE D 54 4.10 14.45 -17.48
N GLN D 55 5.35 14.84 -17.60
CA GLN D 55 5.76 15.76 -18.66
C GLN D 55 5.55 15.16 -20.08
N ALA D 56 5.73 13.85 -20.21
CA ALA D 56 5.45 13.20 -21.48
C ALA D 56 3.97 13.41 -21.82
N LYS D 57 3.11 13.25 -20.82
CA LYS D 57 1.69 13.47 -20.97
C LYS D 57 1.40 14.95 -21.26
N GLU D 58 2.28 15.82 -20.80
CA GLU D 58 2.13 17.24 -21.09
C GLU D 58 2.27 17.40 -22.58
N ILE D 59 3.28 16.74 -23.14
CA ILE D 59 3.59 16.83 -24.56
C ILE D 59 2.61 16.12 -25.50
N ALA D 60 2.31 14.85 -25.23
CA ALA D 60 1.47 14.03 -26.11
C ALA D 60 -0.01 14.37 -26.14
N GLN D 61 -0.48 15.16 -25.17
CA GLN D 61 -1.87 15.59 -25.04
C GLN D 61 -2.86 14.41 -24.97
N GLY D 62 -2.41 13.31 -24.37
CA GLY D 62 -3.20 12.10 -24.17
C GLY D 62 -2.41 11.03 -23.43
N ARG D 63 -2.82 9.77 -23.58
CA ARG D 63 -2.12 8.71 -22.89
C ARG D 63 -0.78 8.47 -23.54
N VAL D 64 0.18 8.08 -22.72
CA VAL D 64 1.50 7.72 -23.20
C VAL D 64 1.79 6.32 -22.68
N VAL D 65 2.84 5.71 -23.22
CA VAL D 65 3.25 4.38 -22.82
C VAL D 65 4.76 4.26 -22.81
N THR D 66 5.29 3.71 -21.73
CA THR D 66 6.71 3.49 -21.63
C THR D 66 7.04 2.38 -22.60
N VAL D 67 8.06 2.60 -23.42
CA VAL D 67 8.44 1.61 -24.41
C VAL D 67 9.91 1.25 -24.32
N ARG D 68 10.73 2.14 -23.77
CA ARG D 68 12.17 1.89 -23.67
C ARG D 68 12.73 2.62 -22.45
N VAL D 69 13.67 2.02 -21.73
CA VAL D 69 14.39 2.67 -20.61
C VAL D 69 15.87 2.30 -20.65
N ASP D 70 16.75 3.24 -20.94
CA ASP D 70 18.16 2.87 -21.13
C ASP D 70 19.14 3.60 -20.19
N GLY D 71 20.32 3.01 -20.00
CA GLY D 71 21.45 3.62 -19.31
C GLY D 71 21.19 4.16 -17.92
N MET D 72 20.52 3.36 -17.11
CA MET D 72 20.19 3.74 -15.75
C MET D 72 21.32 3.50 -14.77
N THR D 73 21.64 4.53 -14.01
CA THR D 73 22.71 4.44 -13.03
C THR D 73 22.22 4.93 -11.68
N PHE D 74 22.46 4.13 -10.64
CA PHE D 74 22.17 4.58 -9.30
C PHE D 74 23.41 5.19 -8.73
N LEU D 75 23.55 6.50 -8.89
CA LEU D 75 24.78 7.20 -8.54
C LEU D 75 25.04 7.16 -7.03
N LYS D 76 24.08 7.63 -6.23
CA LYS D 76 24.28 7.70 -4.80
C LYS D 76 23.05 7.14 -4.05
N PRO D 77 23.25 6.51 -2.89
CA PRO D 77 22.17 5.84 -2.16
C PRO D 77 21.13 6.78 -1.57
N VAL D 78 19.97 6.25 -1.26
CA VAL D 78 18.90 7.07 -0.73
C VAL D 78 18.50 6.56 0.64
N ALA D 79 18.32 7.49 1.57
CA ALA D 79 17.95 7.18 2.96
C ALA D 79 16.50 7.47 3.30
N VAL D 80 16.08 7.06 4.49
CA VAL D 80 14.72 7.30 4.95
C VAL D 80 14.46 8.68 5.58
N GLY D 81 13.37 9.33 5.21
CA GLY D 81 13.03 10.60 5.80
C GLY D 81 13.60 11.76 4.99
N ASP D 82 14.14 11.43 3.82
CA ASP D 82 14.71 12.42 2.90
C ASP D 82 13.84 12.78 1.72
N VAL D 83 14.06 13.97 1.20
CA VAL D 83 13.31 14.41 0.06
C VAL D 83 13.92 14.03 -1.29
N VAL D 84 13.15 13.26 -2.05
CA VAL D 84 13.52 12.78 -3.38
C VAL D 84 12.91 13.61 -4.49
N CYS D 85 13.76 14.27 -5.27
CA CYS D 85 13.32 15.16 -6.31
C CYS D 85 13.65 14.61 -7.70
N CYS D 86 12.67 14.57 -8.58
CA CYS D 86 12.88 14.05 -9.93
C CYS D 86 12.81 15.17 -10.97
N TYR D 87 13.85 15.27 -11.81
CA TYR D 87 13.92 16.32 -12.82
C TYR D 87 13.97 15.73 -14.24
N ALA D 88 12.98 16.03 -15.06
CA ALA D 88 12.94 15.49 -16.40
C ALA D 88 13.10 16.54 -17.51
N ARG D 89 13.89 16.27 -18.54
CA ARG D 89 13.95 17.20 -19.69
C ARG D 89 13.84 16.37 -20.96
N CYS D 90 12.87 16.67 -21.82
CA CYS D 90 12.75 15.91 -23.08
C CYS D 90 13.92 16.21 -23.98
N ILE D 91 14.25 15.25 -24.82
CA ILE D 91 15.37 15.38 -25.74
C ILE D 91 14.86 15.16 -27.16
N LYS D 92 14.03 14.14 -27.33
CA LYS D 92 13.59 13.74 -28.65
C LYS D 92 12.09 13.60 -28.79
N THR D 93 11.58 14.09 -29.90
CA THR D 93 10.22 13.85 -30.33
C THR D 93 10.29 13.18 -31.69
N GLY D 94 9.87 11.93 -31.78
CA GLY D 94 9.90 11.26 -33.07
C GLY D 94 8.49 11.17 -33.64
N HIS D 95 8.09 9.96 -33.99
CA HIS D 95 6.73 9.71 -34.46
C HIS D 95 5.69 9.76 -33.33
N SER D 96 5.89 8.92 -32.32
CA SER D 96 5.03 8.91 -31.14
C SER D 96 5.91 9.06 -29.92
N SER D 97 7.22 8.96 -30.15
CA SER D 97 8.21 8.87 -29.10
C SER D 97 8.56 10.17 -28.45
N ILE D 98 8.36 10.20 -27.14
CA ILE D 98 8.79 11.29 -26.31
C ILE D 98 9.96 10.73 -25.51
N THR D 99 11.18 11.17 -25.81
CA THR D 99 12.36 10.73 -25.08
C THR D 99 12.66 11.71 -24.00
N ILE D 100 12.78 11.26 -22.76
CA ILE D 100 13.03 12.17 -21.64
C ILE D 100 14.14 11.69 -20.72
N ASN D 101 15.11 12.57 -20.45
CA ASN D 101 16.24 12.29 -19.56
C ASN D 101 15.83 12.65 -18.14
N ILE D 102 15.98 11.68 -17.23
CA ILE D 102 15.48 11.84 -15.86
C ILE D 102 16.61 11.79 -14.82
N GLU D 103 16.53 12.70 -13.85
CA GLU D 103 17.46 12.75 -12.74
C GLU D 103 16.72 12.58 -11.43
N VAL D 104 17.40 11.93 -10.49
CA VAL D 104 16.87 11.75 -9.18
C VAL D 104 17.88 12.34 -8.21
N TRP D 105 17.44 13.39 -7.52
CA TRP D 105 18.16 14.15 -6.51
C TRP D 105 17.58 13.97 -5.15
N VAL D 106 18.40 14.08 -4.12
CA VAL D 106 17.90 13.99 -2.77
C VAL D 106 18.11 15.38 -2.23
N LYS D 107 17.16 15.88 -1.44
CA LYS D 107 17.26 17.25 -0.96
C LYS D 107 17.88 17.40 0.42
N LYS D 108 17.41 16.65 1.42
CA LYS D 108 18.00 16.78 2.74
C LYS D 108 18.62 15.47 3.19
N VAL D 109 19.92 15.47 3.43
CA VAL D 109 20.61 14.23 3.74
C VAL D 109 20.07 13.62 5.02
N SER D 110 19.76 14.45 6.01
CA SER D 110 18.95 14.02 7.16
C SER D 110 18.80 15.09 8.22
N GLN D 116 21.76 19.24 1.49
CA GLN D 116 22.76 18.73 0.55
C GLN D 116 22.07 18.17 -0.68
N ARG D 117 22.58 18.52 -1.85
CA ARG D 117 22.01 18.05 -3.09
C ARG D 117 23.01 17.14 -3.78
N TYR D 118 22.60 15.92 -4.11
CA TYR D 118 23.39 15.07 -4.98
C TYR D 118 22.48 14.37 -5.98
N ARG D 119 22.99 14.09 -7.17
CA ARG D 119 22.24 13.29 -8.12
C ARG D 119 22.38 11.83 -7.71
N ALA D 120 21.26 11.17 -7.48
CA ALA D 120 21.24 9.81 -6.95
C ALA D 120 20.90 8.81 -8.03
N THR D 121 20.20 9.25 -9.08
CA THR D 121 19.88 8.35 -10.18
C THR D 121 19.79 9.11 -11.48
N GLU D 122 20.21 8.51 -12.58
CA GLU D 122 20.10 9.13 -13.89
C GLU D 122 19.64 8.06 -14.84
N ALA D 123 18.73 8.37 -15.76
CA ALA D 123 18.30 7.38 -16.75
C ALA D 123 17.62 8.01 -17.94
N VAL D 124 17.44 7.27 -19.03
CA VAL D 124 16.74 7.81 -20.19
C VAL D 124 15.46 7.05 -20.45
N PHE D 125 14.32 7.65 -20.10
CA PHE D 125 13.03 7.00 -20.33
C PHE D 125 12.45 7.40 -21.66
N THR D 126 11.91 6.45 -22.39
CA THR D 126 11.38 6.69 -23.72
C THR D 126 9.95 6.21 -23.77
N TYR D 127 9.04 7.17 -24.04
CA TYR D 127 7.59 6.95 -24.02
C TYR D 127 6.92 7.02 -25.40
N VAL D 128 5.71 6.48 -25.49
CA VAL D 128 4.94 6.50 -26.73
C VAL D 128 3.48 6.87 -26.52
N ALA D 129 3.01 7.91 -27.23
CA ALA D 129 1.62 8.35 -27.15
C ALA D 129 0.67 7.31 -27.77
N VAL D 130 -0.31 6.83 -26.98
CA VAL D 130 -1.25 5.81 -27.47
C VAL D 130 -2.73 6.12 -27.27
N ASP D 131 -3.58 5.41 -28.01
CA ASP D 131 -5.02 5.52 -27.79
C ASP D 131 -5.44 4.53 -26.70
N ASP D 132 -6.74 4.34 -26.53
CA ASP D 132 -7.27 3.41 -25.54
C ASP D 132 -6.94 1.96 -25.86
N ALA D 133 -6.56 1.67 -27.10
CA ALA D 133 -6.22 0.30 -27.49
C ALA D 133 -4.71 0.06 -27.59
N GLY D 134 -3.93 0.80 -26.80
CA GLY D 134 -2.49 0.65 -26.76
C GLY D 134 -1.66 0.76 -28.04
N LYS D 135 -2.23 1.30 -29.10
CA LYS D 135 -1.50 1.45 -30.36
C LYS D 135 -1.07 2.91 -30.62
N PRO D 136 0.04 3.10 -31.36
CA PRO D 136 0.64 4.41 -31.60
C PRO D 136 -0.28 5.49 -32.18
N ARG D 137 0.04 6.73 -31.86
CA ARG D 137 -0.66 7.88 -32.40
C ARG D 137 0.35 9.01 -32.54
N GLY D 138 0.05 9.95 -33.42
CA GLY D 138 0.94 11.06 -33.70
C GLY D 138 1.08 11.97 -32.51
N LEU D 139 2.12 12.80 -32.52
CA LEU D 139 2.32 13.76 -31.45
C LEU D 139 1.78 15.08 -31.94
N PRO D 140 0.93 15.69 -31.11
CA PRO D 140 0.20 16.89 -31.46
C PRO D 140 1.07 18.13 -31.48
N SER D 141 1.50 18.55 -32.67
CA SER D 141 2.19 19.81 -32.79
C SER D 141 1.29 20.80 -33.52
N LEU E 17 -27.52 -8.97 17.09
CA LEU E 17 -27.21 -10.10 16.22
C LEU E 17 -25.73 -10.46 16.16
N PRO E 18 -24.83 -9.49 15.91
CA PRO E 18 -23.42 -9.91 15.81
C PRO E 18 -22.88 -10.40 17.14
N ASN E 19 -22.09 -11.46 17.18
CA ASN E 19 -21.55 -11.93 18.43
C ASN E 19 -20.14 -11.50 18.73
N GLY E 20 -19.96 -10.94 19.92
CA GLY E 20 -18.65 -10.55 20.38
C GLY E 20 -18.36 -9.09 20.37
N GLU E 21 -17.10 -8.76 20.68
CA GLU E 21 -16.67 -7.36 20.74
C GLU E 21 -16.01 -6.87 19.48
N LEU E 22 -16.44 -5.67 19.07
CA LEU E 22 -15.94 -5.01 17.87
C LEU E 22 -14.53 -4.54 18.02
N VAL E 23 -13.62 -5.22 17.35
CA VAL E 23 -12.23 -4.86 17.43
C VAL E 23 -11.88 -3.94 16.26
N LEU E 24 -12.48 -4.17 15.10
CA LEU E 24 -12.17 -3.35 13.92
C LEU E 24 -13.41 -2.92 13.17
N ARG E 25 -13.40 -1.66 12.75
CA ARG E 25 -14.45 -1.11 11.92
C ARG E 25 -13.68 -0.34 10.91
N THR E 26 -13.54 -0.93 9.75
CA THR E 26 -12.71 -0.33 8.74
C THR E 26 -13.53 -0.21 7.48
N LEU E 27 -13.08 0.62 6.57
CA LEU E 27 -13.82 0.87 5.36
C LEU E 27 -13.19 0.07 4.23
N ALA E 28 -14.00 -0.52 3.37
CA ALA E 28 -13.48 -1.27 2.25
C ALA E 28 -12.87 -0.32 1.24
N MET E 29 -11.55 -0.36 1.11
CA MET E 29 -10.84 0.50 0.17
C MET E 29 -10.68 -0.17 -1.19
N PRO E 30 -10.53 0.64 -2.23
CA PRO E 30 -10.43 0.17 -3.61
C PRO E 30 -9.21 -0.71 -3.85
N ALA E 31 -8.12 -0.37 -3.18
CA ALA E 31 -6.83 -1.04 -3.32
C ALA E 31 -6.93 -2.45 -2.81
N ASP E 32 -8.02 -2.75 -2.14
CA ASP E 32 -8.23 -4.01 -1.46
C ASP E 32 -9.05 -5.01 -2.27
N THR E 33 -9.17 -4.80 -3.58
CA THR E 33 -10.03 -5.63 -4.40
C THR E 33 -9.26 -6.64 -5.22
N ASN E 34 -9.99 -7.54 -5.87
CA ASN E 34 -9.37 -8.48 -6.79
C ASN E 34 -9.66 -7.99 -8.21
N ALA E 35 -9.37 -8.82 -9.20
CA ALA E 35 -9.52 -8.39 -10.58
C ALA E 35 -10.97 -8.11 -10.99
N ASN E 36 -11.90 -8.91 -10.50
CA ASN E 36 -13.31 -8.75 -10.88
C ASN E 36 -13.87 -7.42 -10.40
N GLY E 37 -13.55 -7.07 -9.15
CA GLY E 37 -14.05 -5.87 -8.54
C GLY E 37 -14.57 -6.07 -7.13
N ASP E 38 -14.64 -7.33 -6.68
CA ASP E 38 -15.15 -7.66 -5.34
C ASP E 38 -14.07 -7.35 -4.34
N ILE E 39 -14.41 -7.33 -3.06
CA ILE E 39 -13.38 -7.13 -2.06
C ILE E 39 -12.59 -8.42 -1.97
N PHE E 40 -11.28 -8.26 -1.99
CA PHE E 40 -10.35 -9.35 -1.99
C PHE E 40 -10.43 -10.12 -0.67
N GLY E 41 -10.59 -11.44 -0.73
CA GLY E 41 -10.89 -12.23 0.45
C GLY E 41 -9.67 -12.59 1.27
N GLY E 42 -8.54 -12.71 0.61
CA GLY E 42 -7.29 -12.32 1.20
C GLY E 42 -7.42 -11.18 2.18
N TRP E 43 -7.98 -10.05 1.73
CA TRP E 43 -8.07 -8.89 2.61
C TRP E 43 -8.96 -9.10 3.81
N LEU E 44 -10.07 -9.79 3.60
CA LEU E 44 -11.00 -10.07 4.67
C LEU E 44 -10.30 -10.87 5.74
N MET E 45 -9.64 -11.93 5.30
CA MET E 45 -8.88 -12.78 6.21
C MET E 45 -7.76 -12.04 6.90
N SER E 46 -7.19 -11.06 6.19
CA SER E 46 -6.16 -10.17 6.70
C SER E 46 -6.69 -9.34 7.85
N GLN E 47 -7.90 -8.82 7.69
CA GLN E 47 -8.54 -8.04 8.72
C GLN E 47 -8.87 -8.93 9.92
N MET E 48 -9.34 -10.14 9.64
CA MET E 48 -9.70 -11.07 10.71
C MET E 48 -8.46 -11.45 11.53
N ASP E 49 -7.32 -11.63 10.88
CA ASP E 49 -6.07 -11.91 11.60
C ASP E 49 -5.81 -10.89 12.70
N ILE E 50 -5.98 -9.61 12.34
CA ILE E 50 -5.82 -8.48 13.25
C ILE E 50 -6.86 -8.51 14.35
N GLY E 51 -8.11 -8.65 13.96
CA GLY E 51 -9.18 -8.66 14.93
C GLY E 51 -8.96 -9.72 15.99
N GLY E 52 -8.49 -10.90 15.59
CA GLY E 52 -8.19 -11.92 16.56
C GLY E 52 -6.97 -11.64 17.41
N ALA E 53 -5.90 -11.15 16.79
CA ALA E 53 -4.66 -10.83 17.52
C ALA E 53 -4.86 -9.73 18.56
N ILE E 54 -5.83 -8.86 18.34
CA ILE E 54 -6.11 -7.83 19.34
C ILE E 54 -6.54 -8.45 20.65
N GLN E 55 -7.64 -9.22 20.59
CA GLN E 55 -8.18 -9.90 21.75
C GLN E 55 -7.18 -10.89 22.33
N ALA E 56 -6.40 -11.53 21.46
CA ALA E 56 -5.37 -12.44 21.92
C ALA E 56 -4.34 -11.69 22.74
N LYS E 57 -3.90 -10.52 22.28
CA LYS E 57 -2.95 -9.71 23.06
C LYS E 57 -3.54 -9.15 24.35
N GLU E 58 -4.83 -8.86 24.34
CA GLU E 58 -5.50 -8.38 25.55
C GLU E 58 -5.62 -9.48 26.60
N ILE E 59 -5.98 -10.68 26.14
CA ILE E 59 -6.10 -11.82 27.02
C ILE E 59 -4.75 -12.24 27.56
N ALA E 60 -3.78 -12.37 26.65
CA ALA E 60 -2.42 -12.80 26.97
C ALA E 60 -1.59 -11.73 27.65
N GLN E 61 -2.04 -10.47 27.59
CA GLN E 61 -1.34 -9.36 28.22
C GLN E 61 0.11 -9.18 27.73
N GLY E 62 0.36 -9.56 26.48
CA GLY E 62 1.68 -9.50 25.84
C GLY E 62 1.57 -9.96 24.41
N ARG E 63 2.68 -10.36 23.78
CA ARG E 63 2.62 -10.73 22.35
C ARG E 63 1.95 -12.05 22.09
N VAL E 64 1.29 -12.11 20.93
CA VAL E 64 0.71 -13.34 20.46
C VAL E 64 1.17 -13.59 19.02
N VAL E 65 0.93 -14.80 18.52
CA VAL E 65 1.28 -15.19 17.16
C VAL E 65 0.20 -16.11 16.59
N THR E 66 -0.24 -15.83 15.37
CA THR E 66 -1.21 -16.67 14.68
C THR E 66 -0.57 -18.00 14.26
N VAL E 67 -1.25 -19.09 14.59
CA VAL E 67 -0.77 -20.45 14.29
C VAL E 67 -1.81 -21.31 13.58
N ARG E 68 -3.08 -20.98 13.69
CA ARG E 68 -4.11 -21.78 13.01
C ARG E 68 -5.40 -21.04 12.69
N VAL E 69 -6.05 -21.41 11.60
CA VAL E 69 -7.37 -20.88 11.25
C VAL E 69 -8.31 -22.01 10.85
N ASP E 70 -9.40 -22.15 11.59
CA ASP E 70 -10.29 -23.28 11.38
C ASP E 70 -11.64 -22.78 10.87
N GLY E 71 -12.26 -23.56 10.01
CA GLY E 71 -13.62 -23.29 9.61
C GLY E 71 -13.90 -21.89 9.14
N MET E 72 -13.06 -21.36 8.27
CA MET E 72 -13.31 -20.04 7.74
C MET E 72 -14.35 -20.09 6.64
N THR E 73 -15.34 -19.23 6.76
CA THR E 73 -16.43 -19.27 5.82
C THR E 73 -16.64 -17.88 5.24
N PHE E 74 -16.75 -17.80 3.93
CA PHE E 74 -17.17 -16.57 3.24
C PHE E 74 -18.63 -16.62 2.83
N LEU E 75 -19.51 -16.06 3.64
CA LEU E 75 -20.95 -16.11 3.37
C LEU E 75 -21.41 -15.20 2.22
N LYS E 76 -21.16 -13.90 2.33
CA LYS E 76 -21.65 -12.93 1.33
C LYS E 76 -20.54 -11.98 0.86
N PRO E 77 -20.55 -11.59 -0.42
CA PRO E 77 -19.51 -10.70 -0.98
C PRO E 77 -19.56 -9.26 -0.50
N VAL E 78 -18.44 -8.55 -0.62
CA VAL E 78 -18.39 -7.15 -0.22
C VAL E 78 -17.85 -6.29 -1.36
N ALA E 79 -18.47 -5.12 -1.54
CA ALA E 79 -18.04 -4.12 -2.52
C ALA E 79 -17.38 -2.97 -1.76
N VAL E 80 -16.80 -2.03 -2.51
CA VAL E 80 -16.11 -0.88 -1.92
C VAL E 80 -17.08 0.19 -1.42
N GLY E 81 -16.77 0.77 -0.26
CA GLY E 81 -17.59 1.80 0.35
C GLY E 81 -18.49 1.30 1.45
N ASP E 82 -18.27 0.05 1.86
CA ASP E 82 -19.02 -0.54 2.96
C ASP E 82 -18.19 -0.55 4.22
N VAL E 83 -18.89 -0.56 5.34
CA VAL E 83 -18.28 -0.63 6.65
C VAL E 83 -18.11 -2.08 7.09
N VAL E 84 -16.85 -2.45 7.31
CA VAL E 84 -16.47 -3.78 7.75
C VAL E 84 -16.25 -3.82 9.25
N CYS E 85 -17.09 -4.60 9.94
CA CYS E 85 -17.05 -4.68 11.38
C CYS E 85 -16.55 -6.04 11.80
N CYS E 86 -15.55 -6.06 12.66
CA CYS E 86 -14.94 -7.31 13.11
C CYS E 86 -15.26 -7.64 14.55
N TYR E 87 -15.82 -8.82 14.77
CA TYR E 87 -16.27 -9.21 16.10
C TYR E 87 -15.56 -10.41 16.64
N ALA E 88 -14.85 -10.24 17.74
CA ALA E 88 -14.14 -11.35 18.31
C ALA E 88 -14.77 -11.81 19.62
N ARG E 89 -14.92 -13.12 19.80
CA ARG E 89 -15.40 -13.71 21.04
C ARG E 89 -14.52 -14.89 21.39
N CYS E 90 -13.84 -14.84 22.53
CA CYS E 90 -13.00 -15.98 22.93
C CYS E 90 -13.92 -17.13 23.24
N ILE E 91 -13.44 -18.34 22.99
CA ILE E 91 -14.27 -19.52 23.15
C ILE E 91 -13.65 -20.60 24.04
N LYS E 92 -12.33 -20.77 23.98
CA LYS E 92 -11.71 -21.83 24.79
C LYS E 92 -10.59 -21.27 25.67
N THR E 93 -10.58 -21.71 26.94
CA THR E 93 -9.59 -21.25 27.90
C THR E 93 -8.60 -22.33 28.23
N GLY E 94 -7.48 -22.32 27.51
CA GLY E 94 -6.46 -23.31 27.75
C GLY E 94 -5.22 -22.76 28.39
N HIS E 95 -4.19 -23.59 28.37
CA HIS E 95 -2.84 -23.24 28.83
C HIS E 95 -2.02 -22.46 27.84
N SER E 96 -1.99 -22.98 26.61
CA SER E 96 -1.17 -22.39 25.56
C SER E 96 -1.96 -21.77 24.43
N SER E 97 -2.79 -22.61 23.81
CA SER E 97 -3.53 -22.23 22.63
C SER E 97 -4.78 -21.41 22.97
N ILE E 98 -4.84 -20.19 22.43
CA ILE E 98 -5.98 -19.30 22.62
C ILE E 98 -6.84 -19.32 21.35
N THR E 99 -8.00 -19.97 21.43
CA THR E 99 -8.92 -20.08 20.31
C THR E 99 -9.97 -18.96 20.42
N ILE E 100 -10.15 -18.18 19.36
CA ILE E 100 -11.05 -17.02 19.33
C ILE E 100 -11.99 -17.10 18.11
N ASN E 101 -13.30 -17.00 18.33
CA ASN E 101 -14.28 -17.06 17.26
C ASN E 101 -14.55 -15.69 16.67
N ILE E 102 -14.39 -15.57 15.35
CA ILE E 102 -14.50 -14.26 14.70
C ILE E 102 -15.59 -14.12 13.64
N GLU E 103 -16.37 -13.06 13.72
CA GLU E 103 -17.38 -12.81 12.70
C GLU E 103 -17.16 -11.47 12.06
N VAL E 104 -17.55 -11.38 10.81
CA VAL E 104 -17.49 -10.12 10.12
C VAL E 104 -18.86 -9.76 9.62
N TRP E 105 -19.31 -8.59 10.05
CA TRP E 105 -20.59 -8.03 9.61
C TRP E 105 -20.33 -6.78 8.77
N VAL E 106 -21.11 -6.63 7.71
CA VAL E 106 -20.94 -5.52 6.80
C VAL E 106 -22.15 -4.61 6.84
N LYS E 107 -21.92 -3.32 6.67
CA LYS E 107 -23.00 -2.36 6.69
C LYS E 107 -23.20 -1.79 5.31
N LYS E 108 -24.41 -1.90 4.79
CA LYS E 108 -24.77 -1.38 3.48
C LYS E 108 -24.34 -2.31 2.35
N GLN E 116 -28.66 -1.36 6.26
CA GLN E 116 -28.79 -2.79 6.47
C GLN E 116 -27.42 -3.40 6.79
N ARG E 117 -27.37 -4.07 7.93
CA ARG E 117 -26.17 -4.72 8.41
C ARG E 117 -26.36 -6.19 8.08
N TYR E 118 -25.31 -6.89 7.68
CA TYR E 118 -25.49 -8.31 7.42
C TYR E 118 -24.19 -9.04 7.68
N ARG E 119 -24.26 -10.25 8.20
CA ARG E 119 -23.04 -10.99 8.44
C ARG E 119 -22.54 -11.58 7.16
N ALA E 120 -21.31 -11.25 6.82
CA ALA E 120 -20.70 -11.66 5.57
C ALA E 120 -19.63 -12.74 5.76
N THR E 121 -19.09 -12.88 6.98
CA THR E 121 -18.03 -13.88 7.21
C THR E 121 -18.03 -14.44 8.63
N GLU E 122 -17.60 -15.68 8.77
CA GLU E 122 -17.40 -16.36 10.05
C GLU E 122 -16.13 -17.20 10.00
N ALA E 123 -15.37 -17.28 11.08
CA ALA E 123 -14.20 -18.17 11.15
C ALA E 123 -13.78 -18.41 12.60
N VAL E 124 -12.96 -19.42 12.85
CA VAL E 124 -12.45 -19.66 14.21
C VAL E 124 -10.91 -19.65 14.27
N PHE E 125 -10.34 -18.58 14.82
CA PHE E 125 -8.89 -18.38 14.83
C PHE E 125 -8.21 -18.98 16.03
N THR E 126 -7.00 -19.50 15.85
CA THR E 126 -6.27 -20.06 16.98
C THR E 126 -4.87 -19.42 17.05
N TYR E 127 -4.61 -18.78 18.19
CA TYR E 127 -3.39 -18.02 18.51
C TYR E 127 -2.53 -18.68 19.60
N VAL E 128 -1.28 -18.23 19.71
CA VAL E 128 -0.33 -18.72 20.72
C VAL E 128 0.43 -17.56 21.35
N ALA E 129 0.40 -17.44 22.68
CA ALA E 129 1.08 -16.37 23.42
C ALA E 129 2.60 -16.50 23.36
N VAL E 130 3.28 -15.45 22.92
CA VAL E 130 4.72 -15.53 22.83
C VAL E 130 5.45 -14.44 23.56
N ASP E 131 6.70 -14.75 23.85
CA ASP E 131 7.59 -13.79 24.42
C ASP E 131 8.21 -12.91 23.34
N ASP E 132 9.21 -12.12 23.72
CA ASP E 132 9.93 -11.24 22.80
C ASP E 132 10.79 -12.03 21.81
N ALA E 133 11.05 -13.29 22.12
CA ALA E 133 11.84 -14.16 21.27
C ALA E 133 10.94 -15.09 20.46
N GLY E 134 9.72 -14.65 20.17
CA GLY E 134 8.81 -15.45 19.37
C GLY E 134 8.60 -16.86 19.87
N LYS E 135 8.95 -17.11 21.13
CA LYS E 135 8.80 -18.43 21.70
C LYS E 135 7.60 -18.41 22.59
N PRO E 136 6.93 -19.57 22.73
CA PRO E 136 5.73 -19.62 23.58
C PRO E 136 5.96 -19.12 25.01
N ARG E 137 4.92 -18.56 25.63
CA ARG E 137 5.03 -18.13 27.01
C ARG E 137 3.71 -18.36 27.74
N GLY E 138 3.77 -18.38 29.07
CA GLY E 138 2.61 -18.69 29.88
C GLY E 138 1.47 -17.70 29.79
N LEU E 139 0.30 -18.17 30.16
CA LEU E 139 -0.91 -17.38 30.11
C LEU E 139 -1.40 -17.15 31.52
N PRO E 140 -1.66 -15.82 31.86
CA PRO E 140 -2.19 -15.67 33.22
C PRO E 140 -3.69 -15.54 33.16
N SER E 141 -4.41 -16.40 33.85
CA SER E 141 -5.87 -16.36 33.82
C SER E 141 -6.39 -16.43 32.39
N GLY E 142 -5.82 -17.33 31.61
CA GLY E 142 -6.22 -17.52 30.22
C GLY E 142 -7.71 -17.40 29.98
N LEU F 17 8.48 -33.45 1.38
CA LEU F 17 8.86 -32.83 0.12
C LEU F 17 7.69 -32.02 -0.49
N PRO F 18 7.97 -31.07 -1.41
CA PRO F 18 6.94 -30.16 -1.94
C PRO F 18 5.85 -30.76 -2.81
N ASN F 19 4.71 -31.01 -2.19
CA ASN F 19 3.58 -31.60 -2.88
C ASN F 19 2.66 -30.51 -3.45
N GLY F 20 2.49 -30.55 -4.76
CA GLY F 20 1.62 -29.64 -5.49
C GLY F 20 2.40 -28.90 -6.52
N GLU F 21 1.73 -28.04 -7.25
CA GLU F 21 2.39 -27.25 -8.26
C GLU F 21 2.57 -25.81 -7.80
N LEU F 22 3.70 -25.23 -8.15
CA LEU F 22 3.98 -23.84 -7.83
C LEU F 22 3.09 -22.86 -8.57
N VAL F 23 2.19 -22.23 -7.84
CA VAL F 23 1.34 -21.20 -8.39
C VAL F 23 1.90 -19.81 -8.12
N LEU F 24 2.49 -19.58 -6.95
CA LEU F 24 3.04 -18.26 -6.64
C LEU F 24 4.41 -18.30 -5.99
N ARG F 25 5.30 -17.44 -6.46
CA ARG F 25 6.66 -17.34 -5.94
C ARG F 25 7.16 -15.93 -5.79
N THR F 26 7.20 -15.42 -4.57
CA THR F 26 7.62 -14.04 -4.40
C THR F 26 8.64 -13.88 -3.26
N LEU F 27 9.21 -12.68 -3.14
CA LEU F 27 10.15 -12.33 -2.04
C LEU F 27 9.48 -11.49 -0.95
N ALA F 28 9.75 -11.81 0.31
CA ALA F 28 9.17 -11.04 1.43
C ALA F 28 9.82 -9.66 1.60
N MET F 29 9.05 -8.60 1.27
CA MET F 29 9.51 -7.19 1.41
C MET F 29 9.12 -6.61 2.77
N PRO F 30 9.90 -5.64 3.29
CA PRO F 30 9.59 -5.04 4.59
C PRO F 30 8.24 -4.31 4.59
N ALA F 31 7.79 -3.88 3.41
CA ALA F 31 6.47 -3.25 3.27
C ALA F 31 5.36 -4.00 4.03
N ASP F 32 5.58 -5.29 4.26
CA ASP F 32 4.61 -6.17 4.90
C ASP F 32 4.98 -6.71 6.28
N THR F 33 5.41 -5.84 7.18
CA THR F 33 5.79 -6.31 8.50
C THR F 33 4.74 -6.03 9.57
N ASN F 34 5.01 -6.57 10.75
CA ASN F 34 4.23 -6.30 11.93
C ASN F 34 5.11 -5.44 12.84
N ALA F 35 4.76 -5.40 14.12
CA ALA F 35 5.51 -4.61 15.07
C ALA F 35 6.92 -5.12 15.38
N ASN F 36 7.13 -6.42 15.56
CA ASN F 36 8.52 -6.78 15.86
C ASN F 36 9.38 -6.73 14.59
N GLY F 37 8.79 -7.08 13.46
CA GLY F 37 9.56 -7.16 12.23
C GLY F 37 9.28 -8.34 11.32
N ASP F 38 8.39 -9.23 11.79
CA ASP F 38 7.98 -10.41 11.04
C ASP F 38 6.98 -10.05 9.97
N ILE F 39 6.66 -11.04 9.13
CA ILE F 39 5.66 -10.88 8.10
C ILE F 39 4.26 -10.90 8.68
N PHE F 40 3.43 -9.96 8.24
CA PHE F 40 2.05 -9.86 8.70
C PHE F 40 1.34 -11.14 8.26
N GLY F 41 0.71 -11.84 9.20
CA GLY F 41 0.21 -13.18 8.95
C GLY F 41 -1.17 -13.38 8.33
N GLY F 42 -1.81 -12.29 7.93
CA GLY F 42 -3.01 -12.40 7.15
C GLY F 42 -2.60 -12.25 5.70
N TRP F 43 -1.44 -11.66 5.51
CA TRP F 43 -0.94 -11.41 4.16
C TRP F 43 -0.62 -12.73 3.46
N LEU F 44 -0.14 -13.70 4.24
CA LEU F 44 0.11 -15.04 3.75
C LEU F 44 -1.19 -15.56 3.22
N MET F 45 -2.26 -15.36 4.01
CA MET F 45 -3.59 -15.78 3.64
C MET F 45 -3.98 -15.11 2.33
N SER F 46 -3.54 -13.87 2.14
CA SER F 46 -3.78 -13.11 0.91
C SER F 46 -3.14 -13.80 -0.28
N GLN F 47 -1.90 -14.24 -0.06
CA GLN F 47 -1.13 -14.97 -1.06
C GLN F 47 -1.71 -16.33 -1.38
N MET F 48 -2.14 -17.04 -0.35
CA MET F 48 -2.70 -18.37 -0.49
C MET F 48 -3.98 -18.25 -1.26
N ASP F 49 -4.73 -17.22 -0.95
CA ASP F 49 -5.96 -16.99 -1.65
C ASP F 49 -5.68 -16.74 -3.12
N ILE F 50 -4.70 -15.91 -3.43
CA ILE F 50 -4.44 -15.62 -4.84
C ILE F 50 -3.94 -16.85 -5.59
N GLY F 51 -2.91 -17.48 -5.05
CA GLY F 51 -2.30 -18.65 -5.65
C GLY F 51 -3.21 -19.83 -5.84
N GLY F 52 -4.09 -20.07 -4.88
CA GLY F 52 -5.06 -21.15 -5.02
C GLY F 52 -6.06 -20.75 -6.06
N ALA F 53 -6.44 -19.48 -6.03
CA ALA F 53 -7.44 -18.96 -6.97
C ALA F 53 -6.93 -19.20 -8.36
N ILE F 54 -5.61 -19.19 -8.51
CA ILE F 54 -5.00 -19.45 -9.80
C ILE F 54 -5.35 -20.83 -10.34
N GLN F 55 -4.98 -21.88 -9.61
CA GLN F 55 -5.26 -23.22 -10.11
C GLN F 55 -6.77 -23.40 -10.26
N ALA F 56 -7.53 -22.74 -9.41
CA ALA F 56 -8.98 -22.79 -9.52
C ALA F 56 -9.48 -22.20 -10.84
N LYS F 57 -9.01 -21.01 -11.20
CA LYS F 57 -9.38 -20.35 -12.45
C LYS F 57 -8.89 -21.14 -13.63
N GLU F 58 -7.85 -21.93 -13.42
CA GLU F 58 -7.32 -22.86 -14.41
C GLU F 58 -8.33 -23.96 -14.69
N ILE F 59 -8.82 -24.56 -13.62
CA ILE F 59 -9.77 -25.68 -13.73
C ILE F 59 -11.15 -25.24 -14.17
N ALA F 60 -11.70 -24.21 -13.52
CA ALA F 60 -13.05 -23.72 -13.75
C ALA F 60 -13.22 -23.12 -15.13
N GLN F 61 -12.09 -22.94 -15.81
CA GLN F 61 -11.99 -22.42 -17.17
C GLN F 61 -12.67 -21.07 -17.25
N GLY F 62 -12.61 -20.37 -16.14
CA GLY F 62 -13.23 -19.08 -16.00
C GLY F 62 -12.92 -18.53 -14.63
N ARG F 63 -13.75 -17.58 -14.22
CA ARG F 63 -13.63 -16.84 -12.96
C ARG F 63 -14.18 -17.59 -11.73
N VAL F 64 -13.56 -17.41 -10.57
CA VAL F 64 -14.07 -17.99 -9.30
C VAL F 64 -14.15 -16.97 -8.15
N VAL F 65 -14.71 -17.39 -7.01
CA VAL F 65 -14.79 -16.55 -5.81
C VAL F 65 -14.52 -17.45 -4.60
N THR F 66 -13.70 -16.98 -3.66
CA THR F 66 -13.34 -17.73 -2.44
C THR F 66 -14.49 -17.86 -1.47
N VAL F 67 -14.75 -19.07 -0.98
CA VAL F 67 -15.84 -19.25 -0.04
C VAL F 67 -15.46 -19.91 1.26
N ARG F 68 -14.37 -20.68 1.27
CA ARG F 68 -14.03 -21.36 2.51
C ARG F 68 -12.52 -21.56 2.65
N VAL F 69 -12.06 -21.52 3.90
CA VAL F 69 -10.68 -21.80 4.30
C VAL F 69 -10.75 -22.73 5.51
N ASP F 70 -10.26 -23.94 5.38
CA ASP F 70 -10.35 -24.90 6.46
C ASP F 70 -8.95 -25.29 6.86
N GLY F 71 -8.74 -25.59 8.13
CA GLY F 71 -7.49 -26.18 8.57
C GLY F 71 -6.17 -25.55 8.14
N MET F 72 -6.06 -24.23 8.22
CA MET F 72 -4.80 -23.57 7.91
C MET F 72 -3.85 -23.62 9.10
N THR F 73 -2.62 -24.06 8.86
CA THR F 73 -1.62 -24.22 9.92
C THR F 73 -0.36 -23.43 9.65
N PHE F 74 0.05 -22.60 10.61
CA PHE F 74 1.30 -21.85 10.48
C PHE F 74 2.46 -22.62 11.12
N LEU F 75 3.13 -23.45 10.32
CA LEU F 75 4.15 -24.37 10.82
C LEU F 75 5.36 -23.61 11.34
N LYS F 76 5.97 -22.83 10.47
CA LYS F 76 7.10 -22.03 10.87
C LYS F 76 6.89 -20.60 10.38
N PRO F 77 7.32 -19.63 11.18
CA PRO F 77 7.15 -18.20 10.89
C PRO F 77 8.02 -17.76 9.72
N VAL F 78 7.70 -16.62 9.10
CA VAL F 78 8.48 -16.11 7.98
C VAL F 78 8.98 -14.69 8.21
N ALA F 79 10.24 -14.43 7.86
CA ALA F 79 10.82 -13.09 7.99
C ALA F 79 10.99 -12.38 6.63
N VAL F 80 11.43 -11.13 6.68
CA VAL F 80 11.62 -10.33 5.48
C VAL F 80 12.91 -10.69 4.72
N GLY F 81 12.80 -10.75 3.39
CA GLY F 81 13.92 -11.07 2.54
C GLY F 81 14.01 -12.53 2.13
N ASP F 82 12.97 -13.31 2.46
CA ASP F 82 12.92 -14.71 2.07
C ASP F 82 11.98 -14.96 0.87
N VAL F 83 12.27 -16.00 0.11
CA VAL F 83 11.44 -16.33 -1.04
C VAL F 83 10.28 -17.23 -0.65
N VAL F 84 9.06 -16.80 -0.91
CA VAL F 84 7.92 -17.64 -0.59
C VAL F 84 7.30 -18.34 -1.80
N CYS F 85 7.30 -19.66 -1.76
CA CYS F 85 6.79 -20.45 -2.86
C CYS F 85 5.45 -21.06 -2.44
N CYS F 86 4.42 -20.87 -3.26
CA CYS F 86 3.08 -21.43 -2.99
C CYS F 86 2.73 -22.60 -3.86
N TYR F 87 2.36 -23.69 -3.24
CA TYR F 87 2.01 -24.87 -3.99
C TYR F 87 0.56 -25.22 -3.80
N ALA F 88 -0.14 -25.28 -4.92
CA ALA F 88 -1.54 -25.63 -4.94
C ALA F 88 -1.69 -27.03 -5.52
N ARG F 89 -2.49 -27.84 -4.85
CA ARG F 89 -2.83 -29.17 -5.33
C ARG F 89 -4.32 -29.42 -5.13
N CYS F 90 -5.04 -29.72 -6.18
CA CYS F 90 -6.45 -30.03 -6.04
C CYS F 90 -6.74 -31.37 -5.35
N ILE F 91 -7.86 -31.47 -4.66
CA ILE F 91 -8.19 -32.73 -4.00
C ILE F 91 -9.57 -33.24 -4.43
N LYS F 92 -10.53 -32.33 -4.40
CA LYS F 92 -11.94 -32.64 -4.61
C LYS F 92 -12.65 -31.59 -5.46
N THR F 93 -13.54 -31.97 -6.39
CA THR F 93 -14.40 -30.94 -6.98
C THR F 93 -15.91 -31.27 -6.85
N GLY F 94 -16.73 -30.24 -6.84
CA GLY F 94 -18.18 -30.35 -6.81
C GLY F 94 -18.70 -29.92 -8.17
N HIS F 95 -19.95 -29.49 -8.21
CA HIS F 95 -20.53 -28.96 -9.43
C HIS F 95 -19.82 -27.63 -9.70
N SER F 96 -19.72 -26.82 -8.65
CA SER F 96 -19.01 -25.56 -8.71
C SER F 96 -17.85 -25.49 -7.68
N SER F 97 -17.92 -26.22 -6.56
CA SER F 97 -16.94 -26.07 -5.46
C SER F 97 -15.60 -26.77 -5.63
N ILE F 98 -14.54 -25.99 -5.67
CA ILE F 98 -13.19 -26.50 -5.85
C ILE F 98 -12.33 -26.54 -4.61
N THR F 99 -11.97 -27.75 -4.19
CA THR F 99 -11.15 -27.95 -3.03
C THR F 99 -9.67 -28.09 -3.32
N ILE F 100 -8.86 -27.21 -2.73
CA ILE F 100 -7.42 -27.18 -3.00
C ILE F 100 -6.56 -27.13 -1.76
N ASN F 101 -5.64 -28.05 -1.64
CA ASN F 101 -4.69 -28.01 -0.56
C ASN F 101 -3.50 -27.18 -0.94
N ILE F 102 -3.16 -26.24 -0.06
CA ILE F 102 -2.06 -25.33 -0.33
C ILE F 102 -0.96 -25.54 0.67
N GLU F 103 0.25 -25.62 0.15
CA GLU F 103 1.44 -25.71 0.97
C GLU F 103 2.25 -24.48 0.64
N VAL F 104 2.87 -23.92 1.66
CA VAL F 104 3.70 -22.76 1.47
C VAL F 104 5.08 -23.09 1.97
N TRP F 105 6.05 -23.05 1.06
CA TRP F 105 7.43 -23.38 1.37
C TRP F 105 8.34 -22.16 1.32
N VAL F 106 9.33 -22.09 2.21
CA VAL F 106 10.27 -20.96 2.27
C VAL F 106 11.66 -21.43 1.87
N LYS F 107 12.35 -20.61 1.09
CA LYS F 107 13.74 -20.89 0.71
C LYS F 107 14.79 -20.19 1.56
N LYS F 108 14.40 -19.17 2.31
CA LYS F 108 15.30 -18.50 3.23
C LYS F 108 16.58 -17.97 2.59
N VAL F 109 16.47 -17.38 1.41
CA VAL F 109 17.64 -16.97 0.66
C VAL F 109 18.54 -16.03 1.46
N SER F 110 18.07 -14.81 1.69
CA SER F 110 18.86 -13.82 2.40
C SER F 110 19.50 -14.41 3.65
N GLY F 115 19.88 -21.19 1.82
CA GLY F 115 18.87 -21.83 0.99
C GLY F 115 18.18 -23.02 1.63
N GLN F 116 17.94 -22.93 2.93
CA GLN F 116 17.25 -23.97 3.65
C GLN F 116 15.79 -23.99 3.22
N ARG F 117 15.24 -25.17 2.97
CA ARG F 117 13.87 -25.32 2.53
C ARG F 117 13.06 -25.97 3.64
N TYR F 118 11.88 -25.43 3.86
CA TYR F 118 10.94 -25.96 4.83
C TYR F 118 9.54 -25.45 4.52
N ARG F 119 8.53 -26.24 4.89
CA ARG F 119 7.11 -25.89 4.71
C ARG F 119 6.62 -24.89 5.75
N ALA F 120 6.03 -23.80 5.26
CA ALA F 120 5.59 -22.72 6.12
C ALA F 120 4.06 -22.69 6.31
N THR F 121 3.29 -23.26 5.37
CA THR F 121 1.83 -23.26 5.56
C THR F 121 1.09 -24.47 4.95
N GLU F 122 0.00 -24.88 5.60
CA GLU F 122 -0.85 -25.98 5.16
C GLU F 122 -2.28 -25.49 5.25
N ALA F 123 -3.10 -25.69 4.22
CA ALA F 123 -4.50 -25.26 4.30
C ALA F 123 -5.42 -25.91 3.27
N VAL F 124 -6.72 -25.86 3.51
CA VAL F 124 -7.66 -26.36 2.51
C VAL F 124 -8.58 -25.26 2.05
N PHE F 125 -8.27 -24.71 0.88
CA PHE F 125 -9.03 -23.62 0.33
C PHE F 125 -10.12 -24.12 -0.58
N THR F 126 -11.31 -23.55 -0.45
CA THR F 126 -12.47 -23.95 -1.25
C THR F 126 -13.05 -22.74 -1.96
N TYR F 127 -13.14 -22.87 -3.28
CA TYR F 127 -13.58 -21.80 -4.18
C TYR F 127 -14.92 -22.16 -4.85
N VAL F 128 -15.58 -21.18 -5.49
CA VAL F 128 -16.82 -21.46 -6.24
C VAL F 128 -16.90 -20.74 -7.60
N ALA F 129 -17.03 -21.52 -8.66
CA ALA F 129 -17.14 -21.00 -10.02
C ALA F 129 -18.45 -20.29 -10.20
N VAL F 130 -18.41 -19.01 -10.56
CA VAL F 130 -19.66 -18.33 -10.74
C VAL F 130 -19.73 -17.79 -12.16
N ASP F 131 -20.95 -17.60 -12.64
CA ASP F 131 -21.16 -17.03 -13.95
C ASP F 131 -21.18 -15.51 -13.86
N ASP F 132 -21.66 -14.89 -14.92
CA ASP F 132 -21.70 -13.44 -15.00
C ASP F 132 -22.60 -12.79 -13.94
N ALA F 133 -23.50 -13.57 -13.33
CA ALA F 133 -24.44 -13.04 -12.32
C ALA F 133 -24.01 -13.30 -10.88
N GLY F 134 -23.07 -14.22 -10.69
CA GLY F 134 -22.59 -14.52 -9.36
C GLY F 134 -23.16 -15.81 -8.83
N LYS F 135 -23.78 -16.58 -9.71
CA LYS F 135 -24.32 -17.86 -9.30
C LYS F 135 -23.38 -18.93 -9.81
N PRO F 136 -23.30 -20.03 -9.08
CA PRO F 136 -22.45 -21.16 -9.46
C PRO F 136 -22.72 -21.63 -10.89
N ARG F 137 -21.76 -22.29 -11.52
CA ARG F 137 -21.95 -22.81 -12.87
C ARG F 137 -21.31 -24.19 -13.08
N GLY F 138 -21.80 -24.88 -14.10
CA GLY F 138 -21.40 -26.25 -14.39
C GLY F 138 -19.98 -26.52 -14.81
N LEU F 139 -19.55 -27.76 -14.61
CA LEU F 139 -18.21 -28.15 -14.97
C LEU F 139 -18.17 -29.44 -15.81
N PRO F 140 -17.52 -29.35 -16.97
CA PRO F 140 -17.28 -30.51 -17.83
C PRO F 140 -16.22 -31.40 -17.22
N SER F 141 -16.38 -32.71 -17.33
CA SER F 141 -15.51 -33.66 -16.63
C SER F 141 -14.05 -33.61 -17.05
N GLY F 142 -13.79 -33.49 -18.33
CA GLY F 142 -12.43 -33.55 -18.85
C GLY F 142 -11.38 -32.84 -18.02
#